data_9RS2
#
_entry.id   9RS2
#
_cell.length_a   97.190
_cell.length_b   97.190
_cell.length_c   70.960
_cell.angle_alpha   90.00
_cell.angle_beta   90.00
_cell.angle_gamma   90.00
#
_symmetry.space_group_name_H-M   'P 42'
#
loop_
_entity.id
_entity.type
_entity.pdbx_description
1 polymer 'Terpene synthase'
2 non-polymer 'MAGNESIUM ION'
3 non-polymer '[(2~{E},6~{E},10~{E},14~{E})-3,7,11,15,19-pentamethylicosa-2,6,10,14,18-pentaenyl]sulfanyl-phosphonooxy-phosphinic acid'
4 non-polymer GLYCEROL
5 non-polymer 'SODIUM ION'
6 non-polymer 1,2-ETHANEDIOL
7 water water
#
_entity_poly.entity_id   1
_entity_poly.type   'polypeptide(L)'
_entity_poly.pdbx_seq_one_letter_code
;STSSAIELLPFHCPFAAAVNPRLAEIEKLCVDWIDEFRLYQDDAQRERLIATKAAEVYARALPNAAPERVADVAKWLYWG
FATDDMVYDNGPVSVRAADFLPLIVQLARIADEPRSRFGFEIPYTDALRDLTVAITAPATPGQRIEWRSTARAWFFGMSW
DVAYAERGEIPSLNDYLMMRMHTGGLASWAATLGIADGFELSARDADSPAVRALLESWSTFALIINDLMSYAKEIENKDT
SSNIITVIARELSCSPQEAVPHAYSILDRISGLFLRLRADLLPGADQNLRALIAGMEHTWRAILDWGFTSARYTRRDPGS
EPYQVFPGWAEQPHDTSPDPLPYPAIAWWWEQVAG
;
_entity_poly.pdbx_strand_id   A,B
#
# COMPACT_ATOMS: atom_id res chain seq x y z
N ALA A 5 21.63 9.18 26.00
CA ALA A 5 20.23 9.36 26.50
C ALA A 5 19.89 10.85 26.58
N ILE A 6 18.63 11.18 26.86
CA ILE A 6 18.08 12.57 26.90
C ILE A 6 17.05 12.67 28.03
N GLU A 7 16.76 13.91 28.46
CA GLU A 7 15.72 14.24 29.47
C GLU A 7 14.47 14.74 28.73
N LEU A 8 13.33 14.08 28.94
CA LEU A 8 12.02 14.43 28.32
C LEU A 8 11.32 15.50 29.17
N LEU A 9 10.49 16.33 28.53
CA LEU A 9 9.66 17.39 29.19
C LEU A 9 8.28 16.82 29.50
N PRO A 10 7.52 17.41 30.44
CA PRO A 10 6.13 17.00 30.69
C PRO A 10 5.25 17.05 29.44
N PHE A 11 4.22 16.20 29.38
CA PHE A 11 3.29 16.05 28.23
C PHE A 11 1.97 16.77 28.52
N HIS A 12 1.37 17.35 27.49
CA HIS A 12 0.02 17.99 27.53
C HIS A 12 -0.99 17.07 26.86
N CYS A 13 -2.05 16.71 27.57
CA CYS A 13 -3.21 15.92 27.07
C CYS A 13 -4.48 16.36 27.80
N PRO A 14 -5.43 17.05 27.13
CA PRO A 14 -6.61 17.61 27.80
C PRO A 14 -7.77 16.62 28.03
N PHE A 15 -7.56 15.33 27.74
CA PHE A 15 -8.58 14.25 27.85
C PHE A 15 -8.27 13.36 29.06
N ALA A 16 -9.32 12.91 29.75
CA ALA A 16 -9.25 12.03 30.94
C ALA A 16 -8.79 10.62 30.52
N ALA A 17 -8.09 9.92 31.42
CA ALA A 17 -7.66 8.51 31.25
C ALA A 17 -8.89 7.62 31.09
N ALA A 18 -8.77 6.56 30.29
CA ALA A 18 -9.83 5.55 30.04
C ALA A 18 -9.19 4.16 29.88
N VAL A 19 -9.80 3.13 30.48
CA VAL A 19 -9.38 1.71 30.37
C VAL A 19 -10.64 0.83 30.32
N ASN A 20 -10.62 -0.21 29.48
CA ASN A 20 -11.72 -1.21 29.35
C ASN A 20 -11.87 -1.92 30.69
N PRO A 21 -13.09 -1.93 31.29
CA PRO A 21 -13.32 -2.60 32.58
C PRO A 21 -12.77 -4.04 32.65
N ARG A 22 -12.91 -4.80 31.56
CA ARG A 22 -12.53 -6.23 31.47
C ARG A 22 -11.16 -6.35 30.77
N LEU A 23 -10.16 -5.59 31.24
CA LEU A 23 -8.76 -5.63 30.72
C LEU A 23 -8.11 -6.97 31.09
N ALA A 24 -8.20 -7.36 32.36
CA ALA A 24 -7.62 -8.62 32.91
C ALA A 24 -8.02 -9.81 32.03
N GLU A 25 -9.28 -9.86 31.60
CA GLU A 25 -9.84 -10.93 30.73
C GLU A 25 -9.22 -10.85 29.33
N ILE A 26 -9.12 -9.64 28.78
CA ILE A 26 -8.59 -9.37 27.40
C ILE A 26 -7.15 -9.88 27.30
N GLU A 27 -6.32 -9.57 28.30
CA GLU A 27 -4.87 -9.94 28.32
C GLU A 27 -4.72 -11.47 28.39
N LYS A 28 -5.58 -12.15 29.16
CA LYS A 28 -5.53 -13.63 29.33
C LYS A 28 -5.85 -14.31 27.98
N LEU A 29 -6.85 -13.80 27.26
CA LEU A 29 -7.24 -14.28 25.90
C LEU A 29 -6.05 -14.09 24.93
N CYS A 30 -5.26 -13.04 25.12
CA CYS A 30 -4.05 -12.72 24.32
C CYS A 30 -2.90 -13.64 24.72
N VAL A 31 -2.66 -13.81 26.03
CA VAL A 31 -1.60 -14.70 26.59
C VAL A 31 -1.87 -16.14 26.12
N ASP A 32 -3.13 -16.58 26.15
CA ASP A 32 -3.58 -17.91 25.64
C ASP A 32 -3.25 -18.03 24.15
N TRP A 33 -3.53 -16.98 23.36
CA TRP A 33 -3.24 -16.92 21.90
C TRP A 33 -1.72 -16.99 21.67
N ILE A 34 -0.95 -16.20 22.43
CA ILE A 34 0.55 -16.15 22.36
C ILE A 34 1.12 -17.55 22.60
N ASP A 35 0.63 -18.25 23.63
CA ASP A 35 1.09 -19.61 24.01
C ASP A 35 0.61 -20.64 22.98
N GLU A 36 -0.57 -20.44 22.40
CA GLU A 36 -1.19 -21.36 21.41
C GLU A 36 -0.33 -21.41 20.13
N PHE A 37 0.13 -20.25 19.65
CA PHE A 37 0.91 -20.10 18.40
C PHE A 37 2.41 -20.01 18.71
N ARG A 38 2.78 -20.05 19.99
CA ARG A 38 4.19 -20.01 20.46
C ARG A 38 4.90 -18.81 19.81
N LEU A 39 4.53 -17.59 20.21
CA LEU A 39 5.05 -16.32 19.65
C LEU A 39 6.32 -15.92 20.41
N TYR A 40 7.30 -16.84 20.45
CA TYR A 40 8.57 -16.72 21.22
C TYR A 40 9.43 -17.95 20.92
N GLN A 41 10.76 -17.81 21.08
CA GLN A 41 11.75 -18.88 20.83
C GLN A 41 12.17 -19.55 22.16
N ASP A 42 11.98 -18.85 23.29
CA ASP A 42 12.20 -19.40 24.65
C ASP A 42 11.31 -18.63 25.66
N ASP A 43 11.37 -19.01 26.94
CA ASP A 43 10.55 -18.42 28.03
C ASP A 43 10.91 -16.95 28.23
N ALA A 44 12.19 -16.60 28.07
CA ALA A 44 12.70 -15.20 28.17
C ALA A 44 11.95 -14.30 27.18
N GLN A 45 11.83 -14.75 25.92
CA GLN A 45 11.14 -14.00 24.83
C GLN A 45 9.64 -13.92 25.12
N ARG A 46 9.04 -15.00 25.64
CA ARG A 46 7.62 -15.05 26.08
C ARG A 46 7.39 -13.97 27.14
N GLU A 47 8.27 -13.91 28.14
CA GLU A 47 8.22 -12.92 29.25
C GLU A 47 8.31 -11.49 28.68
N ARG A 48 9.22 -11.28 27.72
CA ARG A 48 9.51 -9.94 27.13
C ARG A 48 8.32 -9.46 26.28
N LEU A 49 7.67 -10.38 25.54
CA LEU A 49 6.49 -10.06 24.69
C LEU A 49 5.29 -9.69 25.56
N ILE A 50 5.07 -10.44 26.65
CA ILE A 50 3.95 -10.21 27.62
C ILE A 50 4.17 -8.88 28.33
N ALA A 51 5.43 -8.51 28.57
CA ALA A 51 5.85 -7.27 29.29
C ALA A 51 5.52 -6.02 28.46
N THR A 52 5.37 -6.16 27.13
CA THR A 52 4.96 -5.05 26.22
C THR A 52 3.56 -4.55 26.62
N LYS A 53 2.69 -5.47 27.07
CA LYS A 53 1.29 -5.20 27.51
C LYS A 53 0.52 -4.51 26.38
N ALA A 54 0.55 -5.11 25.19
CA ALA A 54 -0.14 -4.62 23.96
C ALA A 54 -1.66 -4.63 24.18
N ALA A 55 -2.16 -5.56 25.00
CA ALA A 55 -3.59 -5.68 25.38
C ALA A 55 -4.04 -4.37 26.05
N GLU A 56 -3.19 -3.79 26.90
CA GLU A 56 -3.49 -2.56 27.68
C GLU A 56 -3.79 -1.40 26.73
N VAL A 57 -2.81 -1.01 25.89
CA VAL A 57 -2.87 0.19 25.01
C VAL A 57 -4.14 0.13 24.14
N TYR A 58 -4.54 -1.06 23.69
CA TYR A 58 -5.78 -1.30 22.91
C TYR A 58 -7.01 -1.13 23.81
N ALA A 59 -6.97 -1.68 25.03
CA ALA A 59 -8.05 -1.61 26.04
C ALA A 59 -8.26 -0.15 26.48
N ARG A 60 -7.18 0.63 26.54
CA ARG A 60 -7.21 2.06 26.93
C ARG A 60 -7.78 2.89 25.78
N ALA A 61 -7.53 2.47 24.54
CA ALA A 61 -8.04 3.10 23.29
C ALA A 61 -9.50 2.68 23.05
N LEU A 62 -9.87 1.47 23.50
CA LEU A 62 -11.22 0.86 23.30
C LEU A 62 -11.82 0.53 24.68
N PRO A 63 -12.25 1.55 25.46
CA PRO A 63 -12.80 1.31 26.80
C PRO A 63 -14.23 0.74 26.81
N ASN A 64 -14.97 0.89 25.70
CA ASN A 64 -16.42 0.55 25.61
C ASN A 64 -16.66 -0.54 24.56
N ALA A 65 -15.60 -1.21 24.09
CA ALA A 65 -15.67 -2.31 23.09
C ALA A 65 -15.79 -3.66 23.81
N ALA A 66 -16.39 -4.66 23.16
CA ALA A 66 -16.50 -6.05 23.66
C ALA A 66 -15.10 -6.63 23.82
N PRO A 67 -14.77 -7.26 24.97
CA PRO A 67 -13.40 -7.68 25.26
C PRO A 67 -12.83 -8.70 24.26
N GLU A 68 -13.69 -9.55 23.70
CA GLU A 68 -13.31 -10.58 22.68
C GLU A 68 -12.69 -9.88 21.46
N ARG A 69 -13.22 -8.70 21.09
CA ARG A 69 -12.81 -7.93 19.89
C ARG A 69 -11.54 -7.12 20.18
N VAL A 70 -11.40 -6.59 21.40
CA VAL A 70 -10.18 -5.84 21.87
C VAL A 70 -9.00 -6.81 21.85
N ALA A 71 -9.22 -8.05 22.32
CA ALA A 71 -8.23 -9.15 22.37
C ALA A 71 -7.78 -9.50 20.94
N ASP A 72 -8.74 -9.60 20.00
CA ASP A 72 -8.50 -9.97 18.58
C ASP A 72 -7.56 -8.96 17.92
N VAL A 73 -7.82 -7.65 18.09
CA VAL A 73 -7.03 -6.56 17.46
C VAL A 73 -5.68 -6.43 18.19
N ALA A 74 -5.62 -6.80 19.47
CA ALA A 74 -4.40 -6.75 20.31
C ALA A 74 -3.35 -7.73 19.77
N LYS A 75 -3.80 -8.83 19.17
CA LYS A 75 -2.93 -9.90 18.58
C LYS A 75 -2.08 -9.30 17.46
N TRP A 76 -2.67 -8.41 16.64
CA TRP A 76 -2.02 -7.64 15.55
C TRP A 76 -0.77 -6.92 16.09
N LEU A 77 -0.88 -6.30 17.27
CA LEU A 77 0.21 -5.52 17.91
C LEU A 77 1.22 -6.48 18.57
N TYR A 78 0.74 -7.52 19.26
CA TYR A 78 1.59 -8.57 19.88
C TYR A 78 2.46 -9.21 18.79
N TRP A 79 1.84 -9.64 17.68
CA TRP A 79 2.53 -10.16 16.48
C TRP A 79 3.46 -9.08 15.92
N GLY A 80 2.98 -7.84 15.87
CA GLY A 80 3.75 -6.65 15.44
C GLY A 80 5.07 -6.54 16.17
N PHE A 81 5.02 -6.48 17.51
CA PHE A 81 6.20 -6.36 18.40
C PHE A 81 7.16 -7.53 18.19
N ALA A 82 6.62 -8.75 18.07
CA ALA A 82 7.38 -10.01 17.92
C ALA A 82 8.19 -9.98 16.61
N THR A 83 7.58 -9.58 15.51
CA THR A 83 8.20 -9.51 14.15
C THR A 83 9.03 -8.23 14.02
N ASP A 84 8.72 -7.19 14.82
CA ASP A 84 9.46 -5.89 14.83
C ASP A 84 10.89 -6.12 15.33
N ASP A 85 11.03 -6.77 16.48
CA ASP A 85 12.34 -6.98 17.17
C ASP A 85 13.14 -8.08 16.46
N MET A 86 12.48 -8.89 15.61
CA MET A 86 13.09 -10.05 14.90
C MET A 86 13.53 -9.66 13.49
N VAL A 87 12.72 -8.87 12.76
CA VAL A 87 12.87 -8.67 11.29
C VAL A 87 12.99 -7.18 10.95
N TYR A 88 12.05 -6.34 11.40
CA TYR A 88 11.81 -4.97 10.88
C TYR A 88 12.92 -4.01 11.33
N ASP A 89 13.14 -3.86 12.65
CA ASP A 89 14.00 -2.81 13.25
C ASP A 89 15.34 -3.39 13.74
N ASN A 90 15.59 -4.68 13.50
CA ASN A 90 16.88 -5.35 13.84
C ASN A 90 17.06 -6.57 12.95
N GLY A 91 18.31 -7.05 12.81
CA GLY A 91 18.66 -8.21 11.97
C GLY A 91 19.24 -7.76 10.62
N PRO A 92 19.81 -8.70 9.83
CA PRO A 92 20.43 -8.36 8.54
C PRO A 92 19.46 -7.77 7.51
N VAL A 93 18.21 -8.24 7.50
CA VAL A 93 17.15 -7.82 6.54
C VAL A 93 16.74 -6.37 6.84
N SER A 94 16.91 -5.88 8.07
CA SER A 94 16.54 -4.51 8.51
C SER A 94 17.48 -3.46 7.89
N VAL A 95 18.59 -3.88 7.27
CA VAL A 95 19.61 -2.96 6.67
C VAL A 95 19.94 -3.37 5.23
N ARG A 96 19.07 -4.17 4.58
CA ARG A 96 19.17 -4.52 3.14
C ARG A 96 17.76 -4.44 2.53
N ALA A 97 17.53 -3.44 1.67
CA ALA A 97 16.22 -3.15 1.03
C ALA A 97 15.87 -4.26 0.03
N ALA A 98 16.86 -4.82 -0.66
CA ALA A 98 16.70 -5.86 -1.71
C ALA A 98 16.35 -7.21 -1.07
N ASP A 99 16.65 -7.40 0.23
CA ASP A 99 16.30 -8.61 1.01
C ASP A 99 14.98 -8.39 1.76
N PHE A 100 14.73 -7.16 2.23
CA PHE A 100 13.52 -6.78 3.03
C PHE A 100 12.27 -6.86 2.15
N LEU A 101 12.34 -6.32 0.93
CA LEU A 101 11.16 -6.12 0.04
C LEU A 101 10.56 -7.47 -0.36
N PRO A 102 11.34 -8.46 -0.84
CA PRO A 102 10.79 -9.79 -1.16
C PRO A 102 10.12 -10.48 0.05
N LEU A 103 10.66 -10.29 1.25
CA LEU A 103 10.14 -10.87 2.53
C LEU A 103 8.83 -10.16 2.92
N ILE A 104 8.80 -8.83 2.86
CA ILE A 104 7.74 -7.99 3.48
C ILE A 104 6.45 -8.04 2.63
N VAL A 105 6.56 -8.23 1.31
CA VAL A 105 5.40 -8.29 0.39
C VAL A 105 4.60 -9.58 0.65
N GLN A 106 5.27 -10.64 1.11
CA GLN A 106 4.64 -11.94 1.48
C GLN A 106 3.73 -11.75 2.70
N LEU A 107 4.18 -10.97 3.69
CA LEU A 107 3.41 -10.64 4.92
C LEU A 107 2.22 -9.74 4.56
N ALA A 108 2.44 -8.77 3.67
CA ALA A 108 1.39 -7.86 3.14
C ALA A 108 0.34 -8.68 2.38
N ARG A 109 0.78 -9.71 1.64
CA ARG A 109 -0.09 -10.62 0.86
C ARG A 109 -0.98 -11.44 1.81
N ILE A 110 -0.39 -11.99 2.87
CA ILE A 110 -1.09 -12.85 3.88
C ILE A 110 -2.12 -12.01 4.63
N ALA A 111 -1.83 -10.73 4.88
CA ALA A 111 -2.77 -9.74 5.48
C ALA A 111 -3.99 -9.58 4.56
N ASP A 112 -3.76 -9.41 3.25
CA ASP A 112 -4.82 -9.29 2.21
C ASP A 112 -5.61 -10.60 2.13
N GLU A 113 -4.92 -11.74 2.05
CA GLU A 113 -5.52 -13.09 1.85
C GLU A 113 -4.74 -14.14 2.63
N PRO A 114 -5.20 -14.55 3.84
CA PRO A 114 -4.51 -15.55 4.64
C PRO A 114 -4.30 -16.92 3.97
N ARG A 115 -5.11 -17.25 2.97
CA ARG A 115 -5.03 -18.54 2.22
C ARG A 115 -3.80 -18.57 1.31
N SER A 116 -3.19 -17.40 1.05
CA SER A 116 -1.92 -17.26 0.29
C SER A 116 -0.76 -17.86 1.11
N ARG A 117 -0.10 -18.89 0.57
CA ARG A 117 1.03 -19.60 1.23
C ARG A 117 2.28 -19.55 0.34
N PHE A 118 3.45 -19.73 0.96
CA PHE A 118 4.78 -19.67 0.31
C PHE A 118 5.65 -20.83 0.81
N GLY A 119 6.63 -21.25 0.01
CA GLY A 119 7.57 -22.34 0.33
C GLY A 119 8.22 -22.13 1.69
N PHE A 120 8.94 -21.00 1.86
CA PHE A 120 9.58 -20.57 3.12
C PHE A 120 8.79 -19.38 3.71
N GLU A 121 8.45 -19.46 5.00
CA GLU A 121 7.74 -18.41 5.76
C GLU A 121 8.48 -18.18 7.08
N ILE A 122 8.57 -16.91 7.51
CA ILE A 122 9.29 -16.49 8.75
C ILE A 122 8.49 -16.99 9.97
N PRO A 123 9.10 -17.08 11.17
CA PRO A 123 8.37 -17.46 12.37
C PRO A 123 7.15 -16.56 12.63
N TYR A 124 6.07 -17.17 13.16
CA TYR A 124 4.84 -16.50 13.65
C TYR A 124 3.94 -16.08 12.49
N THR A 125 4.17 -16.61 11.28
CA THR A 125 3.34 -16.31 10.07
C THR A 125 2.02 -17.06 10.17
N ASP A 126 2.00 -18.22 10.85
CA ASP A 126 0.76 -18.98 11.17
C ASP A 126 -0.15 -18.10 12.05
N ALA A 127 0.45 -17.37 13.00
CA ALA A 127 -0.26 -16.45 13.92
C ALA A 127 -0.84 -15.27 13.13
N LEU A 128 -0.13 -14.78 12.12
CA LEU A 128 -0.57 -13.66 11.22
C LEU A 128 -1.87 -14.06 10.51
N ARG A 129 -1.94 -15.29 10.00
CA ARG A 129 -3.16 -15.85 9.34
C ARG A 129 -4.33 -15.84 10.32
N ASP A 130 -4.09 -16.34 11.54
CA ASP A 130 -5.14 -16.50 12.58
C ASP A 130 -5.71 -15.13 12.97
N LEU A 131 -4.84 -14.19 13.34
CA LEU A 131 -5.26 -12.83 13.83
C LEU A 131 -5.97 -12.08 12.70
N THR A 132 -5.50 -12.22 11.46
CA THR A 132 -6.11 -11.61 10.25
C THR A 132 -7.57 -12.08 10.15
N VAL A 133 -7.77 -13.40 10.15
CA VAL A 133 -9.12 -14.05 10.05
C VAL A 133 -9.97 -13.65 11.26
N ALA A 134 -9.38 -13.68 12.47
CA ALA A 134 -10.06 -13.36 13.75
C ALA A 134 -10.57 -11.91 13.73
N ILE A 135 -9.79 -10.98 13.16
CA ILE A 135 -10.10 -9.52 13.12
C ILE A 135 -11.08 -9.22 11.99
N THR A 136 -10.84 -9.74 10.78
CA THR A 136 -11.47 -9.28 9.52
C THR A 136 -12.77 -10.04 9.23
N ALA A 137 -12.87 -11.33 9.60
CA ALA A 137 -13.99 -12.23 9.22
C ALA A 137 -15.34 -11.64 9.65
N PRO A 138 -15.50 -11.19 10.92
CA PRO A 138 -16.77 -10.61 11.38
C PRO A 138 -17.00 -9.16 10.92
N ALA A 139 -15.94 -8.47 10.48
CA ALA A 139 -15.96 -7.05 10.07
C ALA A 139 -16.77 -6.87 8.79
N THR A 140 -17.09 -5.62 8.44
CA THR A 140 -17.86 -5.23 7.23
C THR A 140 -16.95 -5.30 6.01
N PRO A 141 -17.50 -5.42 4.78
CA PRO A 141 -16.70 -5.34 3.55
C PRO A 141 -15.79 -4.10 3.50
N GLY A 142 -16.34 -2.93 3.83
CA GLY A 142 -15.62 -1.64 3.85
C GLY A 142 -14.44 -1.67 4.83
N GLN A 143 -14.65 -2.25 6.02
CA GLN A 143 -13.62 -2.37 7.08
C GLN A 143 -12.47 -3.28 6.60
N ARG A 144 -12.79 -4.34 5.86
CA ARG A 144 -11.80 -5.30 5.29
C ARG A 144 -10.96 -4.57 4.24
N ILE A 145 -11.60 -3.85 3.31
CA ILE A 145 -10.93 -3.04 2.26
C ILE A 145 -9.95 -2.07 2.93
N GLU A 146 -10.36 -1.47 4.05
CA GLU A 146 -9.53 -0.51 4.85
C GLU A 146 -8.36 -1.27 5.48
N TRP A 147 -8.62 -2.43 6.11
CA TRP A 147 -7.59 -3.30 6.74
C TRP A 147 -6.48 -3.61 5.74
N ARG A 148 -6.85 -4.09 4.54
CA ARG A 148 -5.92 -4.52 3.47
C ARG A 148 -4.99 -3.37 3.07
N SER A 149 -5.57 -2.21 2.73
CA SER A 149 -4.85 -1.04 2.17
C SER A 149 -3.92 -0.42 3.21
N THR A 150 -4.36 -0.31 4.47
CA THR A 150 -3.60 0.32 5.60
C THR A 150 -2.44 -0.60 6.01
N ALA A 151 -2.62 -1.92 5.95
CA ALA A 151 -1.58 -2.93 6.24
C ALA A 151 -0.46 -2.82 5.20
N ARG A 152 -0.81 -2.80 3.91
CA ARG A 152 0.15 -2.68 2.78
C ARG A 152 0.94 -1.38 2.91
N ALA A 153 0.27 -0.27 3.27
CA ALA A 153 0.87 1.07 3.47
C ALA A 153 1.92 1.02 4.59
N TRP A 154 1.65 0.27 5.65
CA TRP A 154 2.58 0.06 6.80
C TRP A 154 3.82 -0.70 6.33
N PHE A 155 3.63 -1.85 5.66
CA PHE A 155 4.70 -2.73 5.15
C PHE A 155 5.57 -1.97 4.15
N PHE A 156 4.94 -1.12 3.32
CA PHE A 156 5.62 -0.25 2.32
C PHE A 156 6.40 0.84 3.05
N GLY A 157 5.84 1.39 4.13
CA GLY A 157 6.48 2.40 4.98
C GLY A 157 7.75 1.88 5.64
N MET A 158 7.71 0.67 6.19
CA MET A 158 8.86 0.03 6.88
C MET A 158 10.00 -0.23 5.88
N SER A 159 9.67 -0.53 4.62
CA SER A 159 10.66 -0.70 3.51
C SER A 159 11.46 0.59 3.33
N TRP A 160 10.77 1.74 3.40
CA TRP A 160 11.36 3.11 3.26
C TRP A 160 12.39 3.35 4.37
N ASP A 161 12.11 2.87 5.59
CA ASP A 161 13.03 2.97 6.76
C ASP A 161 14.32 2.19 6.47
N VAL A 162 14.19 0.99 5.90
CA VAL A 162 15.31 0.04 5.62
C VAL A 162 16.24 0.66 4.58
N ALA A 163 15.69 1.41 3.61
CA ALA A 163 16.43 2.12 2.55
C ALA A 163 17.46 3.06 3.19
N TYR A 164 17.01 3.92 4.10
CA TYR A 164 17.86 4.92 4.83
C TYR A 164 18.82 4.19 5.78
N ALA A 165 18.35 3.11 6.41
CA ALA A 165 19.15 2.24 7.32
C ALA A 165 20.31 1.59 6.56
N GLU A 166 20.04 1.08 5.34
CA GLU A 166 21.04 0.43 4.45
C GLU A 166 22.15 1.42 4.09
N ARG A 167 21.78 2.67 3.79
CA ARG A 167 22.70 3.75 3.36
C ARG A 167 23.37 4.40 4.57
N GLY A 168 22.89 4.11 5.79
CA GLY A 168 23.37 4.70 7.04
C GLY A 168 23.09 6.20 7.09
N GLU A 169 21.98 6.63 6.46
CA GLU A 169 21.58 8.06 6.33
C GLU A 169 20.32 8.31 7.16
N ILE A 170 20.13 9.56 7.59
CA ILE A 170 18.94 10.05 8.34
C ILE A 170 18.09 10.87 7.37
N PRO A 171 16.78 10.61 7.25
CA PRO A 171 15.92 11.36 6.32
C PRO A 171 15.69 12.80 6.78
N SER A 172 15.38 13.69 5.84
CA SER A 172 15.02 15.12 6.10
C SER A 172 13.76 15.18 6.98
N LEU A 173 13.57 16.27 7.71
CA LEU A 173 12.42 16.48 8.64
C LEU A 173 11.11 16.50 7.83
N ASN A 174 11.15 17.03 6.60
CA ASN A 174 10.00 17.05 5.65
C ASN A 174 9.64 15.61 5.26
N ASP A 175 10.63 14.82 4.83
CA ASP A 175 10.44 13.40 4.39
C ASP A 175 9.97 12.55 5.57
N TYR A 176 10.46 12.83 6.79
CA TYR A 176 10.16 12.07 8.02
C TYR A 176 8.69 12.26 8.41
N LEU A 177 8.24 13.52 8.50
CA LEU A 177 6.86 13.89 8.89
C LEU A 177 5.86 13.32 7.87
N MET A 178 6.26 13.23 6.60
CA MET A 178 5.43 12.66 5.51
C MET A 178 5.25 11.15 5.72
N MET A 179 6.34 10.44 6.04
CA MET A 179 6.42 8.95 5.99
C MET A 179 6.21 8.32 7.37
N ARG A 180 6.45 9.05 8.47
CA ARG A 180 6.43 8.47 9.85
C ARG A 180 5.06 7.84 10.12
N MET A 181 3.97 8.48 9.67
CA MET A 181 2.57 8.00 9.85
C MET A 181 2.42 6.58 9.24
N HIS A 182 3.12 6.29 8.14
CA HIS A 182 3.09 4.98 7.44
C HIS A 182 3.94 3.95 8.19
N THR A 183 5.14 4.33 8.63
CA THR A 183 6.13 3.43 9.29
C THR A 183 5.58 2.92 10.64
N GLY A 184 4.78 3.76 11.33
CA GLY A 184 4.14 3.43 12.62
C GLY A 184 2.82 2.69 12.44
N GLY A 185 2.27 2.71 11.22
CA GLY A 185 1.05 1.95 10.85
C GLY A 185 -0.18 2.44 11.60
N LEU A 186 -0.31 3.76 11.77
CA LEU A 186 -1.39 4.40 12.57
C LEU A 186 -2.72 4.36 11.80
N ALA A 187 -2.67 4.33 10.48
CA ALA A 187 -3.85 4.14 9.60
C ALA A 187 -4.45 2.74 9.85
N SER A 188 -3.60 1.73 10.04
CA SER A 188 -3.98 0.33 10.36
C SER A 188 -4.53 0.27 11.78
N TRP A 189 -3.89 0.95 12.73
CA TRP A 189 -4.35 1.09 14.15
C TRP A 189 -5.79 1.63 14.16
N ALA A 190 -6.06 2.70 13.40
CA ALA A 190 -7.38 3.36 13.27
C ALA A 190 -8.40 2.40 12.67
N ALA A 191 -7.98 1.56 11.72
CA ALA A 191 -8.83 0.55 11.03
C ALA A 191 -9.27 -0.54 12.03
N THR A 192 -8.35 -1.00 12.89
CA THR A 192 -8.61 -2.02 13.94
C THR A 192 -9.52 -1.42 15.02
N LEU A 193 -9.34 -0.13 15.33
CA LEU A 193 -10.23 0.66 16.24
C LEU A 193 -11.67 0.58 15.72
N GLY A 194 -11.88 0.88 14.44
CA GLY A 194 -13.19 0.80 13.76
C GLY A 194 -13.79 -0.60 13.84
N ILE A 195 -12.97 -1.61 13.54
CA ILE A 195 -13.36 -3.06 13.52
C ILE A 195 -13.78 -3.49 14.94
N ALA A 196 -12.96 -3.18 15.95
CA ALA A 196 -13.16 -3.61 17.35
C ALA A 196 -14.34 -2.85 17.98
N ASP A 197 -14.38 -1.53 17.81
CA ASP A 197 -15.38 -0.63 18.45
C ASP A 197 -16.69 -0.65 17.65
N GLY A 198 -16.65 -1.15 16.40
CA GLY A 198 -17.83 -1.33 15.54
C GLY A 198 -18.32 -0.03 14.92
N PHE A 199 -17.39 0.77 14.38
CA PHE A 199 -17.67 2.00 13.58
C PHE A 199 -16.95 1.90 12.23
N GLU A 200 -17.46 2.62 11.23
CA GLU A 200 -16.93 2.65 9.84
C GLU A 200 -17.30 3.99 9.20
N LEU A 201 -16.29 4.81 8.85
CA LEU A 201 -16.48 6.10 8.13
C LEU A 201 -17.14 5.84 6.78
N SER A 202 -18.03 6.75 6.34
CA SER A 202 -18.56 6.81 4.96
C SER A 202 -17.41 7.15 4.01
N ALA A 203 -17.49 6.71 2.75
CA ALA A 203 -16.53 7.03 1.67
C ALA A 203 -16.32 8.55 1.61
N ARG A 204 -17.40 9.31 1.80
CA ARG A 204 -17.40 10.81 1.76
C ARG A 204 -16.47 11.35 2.84
N ASP A 205 -16.66 10.94 4.10
CA ASP A 205 -15.88 11.40 5.28
C ASP A 205 -14.41 11.00 5.12
N ALA A 206 -14.15 9.72 4.79
CA ALA A 206 -12.80 9.13 4.66
C ALA A 206 -11.98 9.88 3.61
N ASP A 207 -12.61 10.29 2.50
CA ASP A 207 -11.96 10.97 1.34
C ASP A 207 -11.79 12.47 1.64
N SER A 208 -12.72 13.09 2.37
CA SER A 208 -12.75 14.54 2.67
C SER A 208 -11.40 14.98 3.21
N PRO A 209 -10.82 16.10 2.72
CA PRO A 209 -9.46 16.51 3.09
C PRO A 209 -9.32 16.97 4.56
N ALA A 210 -10.44 17.33 5.21
CA ALA A 210 -10.50 17.71 6.64
C ALA A 210 -10.22 16.48 7.52
N VAL A 211 -10.90 15.36 7.24
CA VAL A 211 -10.80 14.09 8.02
C VAL A 211 -9.42 13.45 7.74
N ARG A 212 -8.91 13.57 6.51
CA ARG A 212 -7.56 13.07 6.12
C ARG A 212 -6.50 13.83 6.93
N ALA A 213 -6.63 15.16 7.01
CA ALA A 213 -5.74 16.06 7.80
C ALA A 213 -5.83 15.69 9.28
N LEU A 214 -7.04 15.42 9.78
CA LEU A 214 -7.32 14.99 11.18
C LEU A 214 -6.56 13.69 11.47
N LEU A 215 -6.67 12.70 10.57
CA LEU A 215 -6.04 11.35 10.72
C LEU A 215 -4.52 11.48 10.67
N GLU A 216 -3.99 12.24 9.71
CA GLU A 216 -2.53 12.37 9.44
C GLU A 216 -1.86 13.16 10.59
N SER A 217 -2.46 14.26 11.03
CA SER A 217 -1.97 15.09 12.17
C SER A 217 -1.97 14.24 13.45
N TRP A 218 -3.09 13.58 13.74
CA TRP A 218 -3.25 12.63 14.87
C TRP A 218 -2.18 11.53 14.78
N SER A 219 -2.10 10.87 13.62
CA SER A 219 -1.12 9.81 13.30
C SER A 219 0.30 10.26 13.66
N THR A 220 0.68 11.47 13.22
CA THR A 220 2.05 12.03 13.32
C THR A 220 2.40 12.28 14.80
N PHE A 221 1.58 13.04 15.52
CA PHE A 221 1.87 13.49 16.91
C PHE A 221 1.86 12.28 17.85
N ALA A 222 0.98 11.31 17.60
CA ALA A 222 0.88 10.03 18.34
C ALA A 222 2.22 9.27 18.24
N LEU A 223 2.84 9.29 17.05
CA LEU A 223 4.10 8.54 16.76
C LEU A 223 5.33 9.37 17.11
N ILE A 224 5.18 10.70 17.26
CA ILE A 224 6.25 11.59 17.82
C ILE A 224 6.35 11.31 19.32
N ILE A 225 5.22 11.07 19.99
CA ILE A 225 5.16 10.67 21.43
C ILE A 225 5.89 9.33 21.59
N ASN A 226 5.70 8.40 20.65
CA ASN A 226 6.37 7.08 20.61
C ASN A 226 7.89 7.29 20.48
N ASP A 227 8.32 8.18 19.58
CA ASP A 227 9.75 8.49 19.30
C ASP A 227 10.43 8.95 20.59
N LEU A 228 9.79 9.85 21.34
CA LEU A 228 10.32 10.47 22.59
C LEU A 228 10.59 9.38 23.64
N MET A 229 9.63 8.49 23.89
CA MET A 229 9.71 7.46 24.96
C MET A 229 10.59 6.28 24.50
N SER A 230 10.64 5.99 23.19
CA SER A 230 11.32 4.80 22.61
C SER A 230 12.76 5.14 22.16
N TYR A 231 13.18 6.40 22.30
CA TYR A 231 14.52 6.90 21.88
C TYR A 231 15.62 6.11 22.60
N ALA A 232 15.48 5.94 23.92
CA ALA A 232 16.47 5.29 24.82
C ALA A 232 16.68 3.83 24.43
N LYS A 233 15.58 3.10 24.17
CA LYS A 233 15.58 1.65 23.84
C LYS A 233 16.21 1.42 22.46
N GLU A 234 15.92 2.30 21.50
CA GLU A 234 16.34 2.15 20.07
C GLU A 234 17.86 2.30 19.94
N ILE A 235 18.48 3.12 20.81
CA ILE A 235 19.97 3.26 20.91
C ILE A 235 20.53 2.02 21.62
N GLU A 236 19.96 1.68 22.78
CA GLU A 236 20.35 0.49 23.60
C GLU A 236 19.84 -0.78 22.91
N SER A 242 16.82 6.79 12.71
CA SER A 242 15.55 7.35 12.20
C SER A 242 14.58 7.59 13.35
N ASN A 243 14.67 8.77 13.98
CA ASN A 243 13.83 9.22 15.12
C ASN A 243 13.73 10.75 15.08
N ILE A 244 12.59 11.31 15.48
CA ILE A 244 12.29 12.78 15.44
C ILE A 244 13.46 13.54 16.07
N ILE A 245 14.07 13.00 17.14
CA ILE A 245 15.21 13.60 17.89
C ILE A 245 16.44 13.66 16.97
N THR A 246 16.80 12.52 16.36
CA THR A 246 17.99 12.35 15.48
C THR A 246 17.80 13.17 14.20
N VAL A 247 16.58 13.18 13.64
CA VAL A 247 16.23 13.89 12.38
C VAL A 247 16.37 15.40 12.59
N ILE A 248 15.86 15.91 13.72
CA ILE A 248 15.98 17.35 14.12
C ILE A 248 17.44 17.68 14.39
N ALA A 249 18.18 16.77 15.03
CA ALA A 249 19.61 16.92 15.40
C ALA A 249 20.45 17.14 14.14
N ARG A 250 20.20 16.34 13.09
CA ARG A 250 20.90 16.45 11.77
C ARG A 250 20.53 17.79 11.10
N GLU A 251 19.23 18.05 10.95
CA GLU A 251 18.69 19.20 10.16
C GLU A 251 19.13 20.54 10.76
N LEU A 252 19.15 20.64 12.10
CA LEU A 252 19.50 21.89 12.84
C LEU A 252 20.96 21.87 13.30
N SER A 253 21.65 20.73 13.18
CA SER A 253 23.08 20.54 13.56
C SER A 253 23.26 20.81 15.05
N CYS A 254 22.28 20.43 15.88
CA CYS A 254 22.32 20.48 17.36
C CYS A 254 22.39 19.05 17.90
N SER A 255 22.56 18.89 19.22
CA SER A 255 22.68 17.58 19.91
C SER A 255 21.28 17.01 20.19
N PRO A 256 21.16 15.69 20.46
CA PRO A 256 19.86 15.09 20.79
C PRO A 256 19.07 15.82 21.88
N GLN A 257 19.75 16.33 22.91
CA GLN A 257 19.13 17.03 24.07
C GLN A 257 18.51 18.35 23.61
N GLU A 258 19.16 19.05 22.68
CA GLU A 258 18.72 20.37 22.14
C GLU A 258 17.55 20.16 21.16
N ALA A 259 17.39 18.94 20.64
CA ALA A 259 16.33 18.55 19.68
C ALA A 259 15.03 18.19 20.42
N VAL A 260 15.09 18.02 21.74
CA VAL A 260 13.92 17.69 22.61
C VAL A 260 12.90 18.83 22.54
N PRO A 261 13.24 20.09 22.90
CA PRO A 261 12.27 21.19 22.88
C PRO A 261 11.67 21.43 21.48
N HIS A 262 12.46 21.24 20.42
CA HIS A 262 12.03 21.35 19.01
C HIS A 262 10.98 20.27 18.69
N ALA A 263 11.21 19.04 19.19
CA ALA A 263 10.29 17.89 19.02
C ALA A 263 8.95 18.19 19.69
N TYR A 264 8.98 18.68 20.94
CA TYR A 264 7.78 19.04 21.74
C TYR A 264 7.05 20.22 21.09
N SER A 265 7.78 21.16 20.48
CA SER A 265 7.22 22.31 19.72
C SER A 265 6.39 21.79 18.54
N ILE A 266 6.96 20.90 17.74
CA ILE A 266 6.29 20.25 16.57
C ILE A 266 5.12 19.41 17.07
N LEU A 267 5.35 18.60 18.10
CA LEU A 267 4.34 17.73 18.77
C LEU A 267 3.12 18.58 19.16
N ASP A 268 3.34 19.71 19.84
CA ASP A 268 2.29 20.60 20.36
C ASP A 268 1.59 21.34 19.22
N ARG A 269 2.33 21.73 18.18
CA ARG A 269 1.80 22.47 17.00
C ARG A 269 0.90 21.55 16.18
N ILE A 270 1.24 20.27 16.05
CA ILE A 270 0.46 19.26 15.28
C ILE A 270 -0.79 18.85 16.09
N SER A 271 -0.64 18.62 17.40
CA SER A 271 -1.74 18.28 18.33
C SER A 271 -2.69 19.49 18.47
N GLY A 272 -2.13 20.70 18.44
CA GLY A 272 -2.89 21.97 18.42
C GLY A 272 -3.81 22.05 17.21
N LEU A 273 -3.32 21.65 16.04
CA LEU A 273 -4.09 21.60 14.77
C LEU A 273 -5.15 20.49 14.86
N PHE A 274 -4.79 19.31 15.37
CA PHE A 274 -5.69 18.14 15.54
C PHE A 274 -6.94 18.56 16.31
N LEU A 275 -6.75 19.26 17.44
CA LEU A 275 -7.84 19.76 18.33
C LEU A 275 -8.71 20.77 17.56
N ARG A 276 -8.09 21.66 16.79
CA ARG A 276 -8.80 22.66 15.93
C ARG A 276 -9.70 21.93 14.93
N LEU A 277 -9.15 20.95 14.20
CA LEU A 277 -9.88 20.14 13.19
C LEU A 277 -10.98 19.32 13.88
N ARG A 278 -10.71 18.80 15.08
CA ARG A 278 -11.67 18.00 15.89
C ARG A 278 -12.89 18.86 16.25
N ALA A 279 -12.64 20.10 16.72
CA ALA A 279 -13.68 21.08 17.14
C ALA A 279 -14.58 21.43 15.97
N ASP A 280 -14.03 21.54 14.75
CA ASP A 280 -14.74 21.90 13.51
C ASP A 280 -15.68 20.75 13.09
N LEU A 281 -15.26 19.50 13.28
CA LEU A 281 -15.92 18.30 12.70
C LEU A 281 -17.01 17.75 13.63
N LEU A 282 -16.79 17.77 14.95
CA LEU A 282 -17.66 17.11 15.96
C LEU A 282 -19.11 17.56 15.84
N PRO A 283 -19.41 18.89 15.73
CA PRO A 283 -20.79 19.35 15.61
C PRO A 283 -21.62 18.64 14.52
N GLY A 284 -21.05 18.53 13.30
CA GLY A 284 -21.72 17.94 12.13
C GLY A 284 -21.41 16.46 11.95
N ALA A 285 -20.48 15.92 12.74
CA ALA A 285 -20.00 14.51 12.66
C ALA A 285 -21.15 13.55 12.92
N ASP A 286 -21.19 12.44 12.17
CA ASP A 286 -22.16 11.32 12.36
C ASP A 286 -21.62 10.39 13.46
N GLN A 287 -22.38 9.35 13.81
CA GLN A 287 -22.07 8.41 14.92
C GLN A 287 -20.73 7.69 14.65
N ASN A 288 -20.38 7.49 13.38
CA ASN A 288 -19.15 6.77 12.95
C ASN A 288 -17.92 7.68 13.10
N LEU A 289 -18.03 8.95 12.71
CA LEU A 289 -16.91 9.94 12.79
C LEU A 289 -16.67 10.34 14.24
N ARG A 290 -17.73 10.55 15.02
CA ARG A 290 -17.66 10.88 16.47
C ARG A 290 -16.97 9.73 17.22
N ALA A 291 -17.25 8.49 16.83
CA ALA A 291 -16.67 7.24 17.42
C ALA A 291 -15.16 7.20 17.15
N LEU A 292 -14.73 7.55 15.93
CA LEU A 292 -13.29 7.63 15.55
C LEU A 292 -12.60 8.69 16.38
N ILE A 293 -13.17 9.90 16.42
CA ILE A 293 -12.65 11.06 17.20
C ILE A 293 -12.51 10.64 18.67
N ALA A 294 -13.53 9.98 19.22
CA ALA A 294 -13.52 9.40 20.58
C ALA A 294 -12.36 8.40 20.69
N GLY A 295 -12.19 7.54 19.69
CA GLY A 295 -11.08 6.58 19.58
C GLY A 295 -9.73 7.27 19.55
N MET A 296 -9.63 8.39 18.83
CA MET A 296 -8.37 9.19 18.67
C MET A 296 -8.00 9.83 20.01
N GLU A 297 -9.00 10.32 20.76
CA GLU A 297 -8.82 10.92 22.11
C GLU A 297 -8.24 9.87 23.06
N HIS A 298 -8.89 8.71 23.14
CA HIS A 298 -8.52 7.57 24.04
C HIS A 298 -7.11 7.08 23.71
N THR A 299 -6.76 7.05 22.41
CA THR A 299 -5.41 6.66 21.90
C THR A 299 -4.34 7.60 22.47
N TRP A 300 -4.60 8.91 22.48
CA TRP A 300 -3.69 9.95 23.00
C TRP A 300 -3.29 9.59 24.44
N ARG A 301 -4.27 9.39 25.32
CA ARG A 301 -4.04 9.02 26.75
C ARG A 301 -3.46 7.60 26.82
N ALA A 302 -3.94 6.68 25.98
CA ALA A 302 -3.52 5.26 25.94
C ALA A 302 -1.99 5.18 25.77
N ILE A 303 -1.44 5.93 24.82
CA ILE A 303 0.01 5.90 24.46
C ILE A 303 0.85 6.38 25.67
N LEU A 304 0.40 7.42 26.38
CA LEU A 304 1.15 8.08 27.48
C LEU A 304 1.00 7.27 28.78
N ASP A 305 -0.23 6.86 29.11
CA ASP A 305 -0.56 6.12 30.37
C ASP A 305 0.11 4.75 30.36
N TRP A 306 0.07 4.05 29.22
CA TRP A 306 0.62 2.68 29.03
C TRP A 306 2.13 2.74 28.74
N GLY A 307 2.53 3.65 27.85
CA GLY A 307 3.91 3.76 27.32
C GLY A 307 4.96 3.84 28.42
N PHE A 308 4.73 4.68 29.44
CA PHE A 308 5.70 4.99 30.52
C PHE A 308 5.49 4.05 31.72
N THR A 309 4.62 3.04 31.58
CA THR A 309 4.46 1.91 32.54
C THR A 309 4.84 0.58 31.86
N SER A 310 4.97 0.55 30.53
CA SER A 310 5.35 -0.63 29.73
C SER A 310 6.87 -0.83 29.80
N ALA A 311 7.31 -2.07 30.05
CA ALA A 311 8.73 -2.48 30.18
C ALA A 311 9.49 -2.20 28.88
N ARG A 312 8.79 -2.24 27.73
CA ARG A 312 9.37 -2.05 26.38
C ARG A 312 10.23 -0.77 26.32
N TYR A 313 9.75 0.33 26.91
CA TYR A 313 10.35 1.69 26.78
C TYR A 313 10.99 2.16 28.11
N THR A 314 10.75 1.46 29.23
CA THR A 314 11.14 1.90 30.59
C THR A 314 12.23 0.98 31.18
N ARG A 315 12.22 -0.31 30.86
CA ARG A 315 13.16 -1.33 31.42
C ARG A 315 14.00 -1.96 30.30
N ARG A 316 15.23 -2.37 30.61
CA ARG A 316 16.14 -3.10 29.70
C ARG A 316 15.79 -4.60 29.75
N ASP A 317 15.18 -5.06 30.85
CA ASP A 317 14.65 -6.44 31.02
C ASP A 317 13.43 -6.40 31.93
N PRO A 318 12.43 -7.31 31.75
CA PRO A 318 11.34 -7.43 32.71
C PRO A 318 11.86 -7.96 34.06
N GLY A 319 11.77 -7.14 35.11
CA GLY A 319 12.27 -7.46 36.46
C GLY A 319 13.31 -6.44 36.94
N SER A 320 14.01 -5.79 36.01
CA SER A 320 14.99 -4.71 36.29
C SER A 320 14.25 -3.42 36.64
N GLU A 321 14.91 -2.51 37.38
CA GLU A 321 14.35 -1.19 37.77
C GLU A 321 14.19 -0.33 36.53
N PRO A 322 13.17 0.56 36.49
CA PRO A 322 12.97 1.45 35.34
C PRO A 322 14.06 2.53 35.22
N TYR A 323 14.63 2.68 34.02
CA TYR A 323 15.61 3.74 33.67
C TYR A 323 14.87 5.03 33.28
N GLN A 324 13.60 4.90 32.87
CA GLN A 324 12.69 6.03 32.50
C GLN A 324 11.43 6.00 33.38
N VAL A 325 11.01 7.17 33.87
CA VAL A 325 9.70 7.40 34.54
C VAL A 325 8.98 8.50 33.77
N PHE A 326 7.65 8.56 33.88
CA PHE A 326 6.78 9.59 33.24
C PHE A 326 7.29 10.97 33.60
N PRO A 327 7.60 11.86 32.61
CA PRO A 327 8.14 13.18 32.91
C PRO A 327 7.18 14.12 33.63
N GLY A 328 5.87 13.80 33.63
CA GLY A 328 4.82 14.55 34.34
C GLY A 328 3.80 15.12 33.37
N TRP A 329 2.76 15.78 33.89
CA TRP A 329 1.68 16.43 33.12
C TRP A 329 1.93 17.94 33.05
N ALA A 330 1.71 18.54 31.87
CA ALA A 330 1.80 20.00 31.62
C ALA A 330 0.38 20.57 31.52
N GLU A 331 0.17 21.77 32.07
CA GLU A 331 -1.15 22.46 32.13
C GLU A 331 -1.39 23.17 30.79
N GLN A 332 -0.37 23.84 30.25
CA GLN A 332 -0.42 24.59 28.96
C GLN A 332 0.43 23.86 27.91
N PRO A 333 0.17 24.09 26.60
CA PRO A 333 1.06 23.61 25.54
C PRO A 333 2.41 24.36 25.53
N HIS A 334 3.44 23.73 24.99
CA HIS A 334 4.84 24.25 24.89
C HIS A 334 4.91 25.35 23.84
N ASP A 335 4.24 25.15 22.69
CA ASP A 335 4.15 26.12 21.58
C ASP A 335 2.67 26.35 21.22
N THR A 336 2.21 27.60 21.26
CA THR A 336 0.81 28.02 21.02
C THR A 336 0.66 28.62 19.61
N SER A 337 1.73 28.63 18.81
CA SER A 337 1.77 29.20 17.43
C SER A 337 0.69 28.54 16.56
N PRO A 338 -0.32 29.29 16.08
CA PRO A 338 -1.37 28.74 15.23
C PRO A 338 -1.00 28.62 13.75
N ASP A 339 0.17 29.16 13.36
CA ASP A 339 0.69 29.16 11.97
C ASP A 339 0.93 27.73 11.51
N PRO A 340 0.98 27.46 10.19
CA PRO A 340 1.37 26.14 9.69
C PRO A 340 2.86 25.87 9.82
N LEU A 341 3.25 24.60 9.96
CA LEU A 341 4.67 24.15 9.93
C LEU A 341 5.22 24.38 8.53
N PRO A 342 6.50 24.80 8.38
CA PRO A 342 7.05 25.16 7.07
C PRO A 342 7.39 23.97 6.16
N TYR A 343 7.17 22.74 6.64
CA TYR A 343 7.51 21.47 5.94
C TYR A 343 6.41 21.18 4.91
N PRO A 344 6.69 21.37 3.60
CA PRO A 344 5.62 21.41 2.58
C PRO A 344 4.95 20.08 2.21
N ALA A 345 5.40 18.96 2.80
CA ALA A 345 4.78 17.62 2.62
C ALA A 345 3.47 17.53 3.41
N ILE A 346 3.34 18.33 4.47
CA ILE A 346 2.21 18.26 5.46
C ILE A 346 1.67 19.66 5.78
N ALA A 347 2.12 20.71 5.09
CA ALA A 347 1.71 22.11 5.32
C ALA A 347 0.24 22.32 4.95
N TRP A 348 -0.29 21.50 4.02
CA TRP A 348 -1.67 21.57 3.49
C TRP A 348 -2.71 21.26 4.58
N TRP A 349 -2.33 20.56 5.66
CA TRP A 349 -3.22 20.25 6.81
C TRP A 349 -3.96 21.51 7.26
N TRP A 350 -3.19 22.57 7.49
CA TRP A 350 -3.63 23.88 8.02
C TRP A 350 -4.61 24.58 7.07
N GLU A 351 -4.69 24.13 5.82
CA GLU A 351 -5.63 24.70 4.83
C GLU A 351 -7.06 24.26 5.11
N GLN A 352 -7.26 23.19 5.88
CA GLN A 352 -8.59 22.62 6.18
C GLN A 352 -9.19 23.19 7.46
N VAL A 353 -8.58 24.23 8.04
CA VAL A 353 -9.09 24.82 9.31
C VAL A 353 -10.35 25.66 9.06
N ALA B 5 16.15 -14.41 -27.21
CA ALA B 5 15.21 -14.38 -28.38
C ALA B 5 14.35 -15.65 -28.37
N ILE B 6 13.02 -15.47 -28.36
CA ILE B 6 12.01 -16.57 -28.35
C ILE B 6 11.04 -16.37 -29.52
N GLU B 7 10.40 -17.46 -29.97
CA GLU B 7 9.33 -17.46 -31.00
C GLU B 7 7.98 -17.65 -30.28
N LEU B 8 7.12 -16.63 -30.32
CA LEU B 8 5.81 -16.61 -29.61
C LEU B 8 4.81 -17.50 -30.35
N LEU B 9 3.78 -17.96 -29.63
CA LEU B 9 2.68 -18.83 -30.14
C LEU B 9 1.43 -17.98 -30.32
N PRO B 10 0.48 -18.39 -31.20
CA PRO B 10 -0.79 -17.69 -31.35
C PRO B 10 -1.54 -17.51 -30.02
N PHE B 11 -2.32 -16.44 -29.89
CA PHE B 11 -3.11 -16.08 -28.68
C PHE B 11 -4.58 -16.43 -28.91
N HIS B 12 -5.23 -16.99 -27.88
CA HIS B 12 -6.69 -17.21 -27.82
C HIS B 12 -7.35 -16.03 -27.12
N CYS B 13 -8.38 -15.43 -27.74
CA CYS B 13 -9.25 -14.41 -27.14
C CYS B 13 -10.66 -14.56 -27.69
N PRO B 14 -11.68 -14.88 -26.86
CA PRO B 14 -13.04 -15.12 -27.34
C PRO B 14 -13.88 -13.84 -27.55
N PHE B 15 -13.28 -12.65 -27.41
CA PHE B 15 -13.96 -11.33 -27.50
C PHE B 15 -13.50 -10.60 -28.78
N ALA B 16 -14.44 -9.93 -29.44
CA ALA B 16 -14.22 -9.18 -30.71
C ALA B 16 -13.48 -7.88 -30.41
N ALA B 17 -12.80 -7.33 -31.43
CA ALA B 17 -12.06 -6.05 -31.37
C ALA B 17 -13.06 -4.90 -31.13
N ALA B 18 -12.66 -3.92 -30.32
CA ALA B 18 -13.43 -2.70 -30.00
C ALA B 18 -12.46 -1.53 -29.77
N VAL B 19 -12.72 -0.38 -30.38
CA VAL B 19 -11.96 0.89 -30.17
C VAL B 19 -12.94 2.05 -30.09
N ASN B 20 -12.68 3.00 -29.18
CA ASN B 20 -13.48 4.24 -29.03
C ASN B 20 -13.52 4.92 -30.39
N PRO B 21 -14.72 5.30 -30.90
CA PRO B 21 -14.84 5.89 -32.24
C PRO B 21 -14.12 7.25 -32.37
N ARG B 22 -13.82 7.91 -31.24
CA ARG B 22 -13.13 9.23 -31.20
C ARG B 22 -11.69 9.05 -30.68
N LEU B 23 -11.00 7.99 -31.14
CA LEU B 23 -9.57 7.69 -30.81
C LEU B 23 -8.68 8.85 -31.28
N ALA B 24 -8.90 9.33 -32.50
CA ALA B 24 -8.16 10.46 -33.11
C ALA B 24 -8.18 11.67 -32.16
N GLU B 25 -9.38 12.03 -31.67
CA GLU B 25 -9.60 13.18 -30.75
C GLU B 25 -8.89 12.93 -29.42
N ILE B 26 -9.02 11.72 -28.86
CA ILE B 26 -8.44 11.32 -27.55
C ILE B 26 -6.91 11.49 -27.61
N GLU B 27 -6.27 10.93 -28.64
CA GLU B 27 -4.79 10.96 -28.83
C GLU B 27 -4.33 12.40 -29.05
N LYS B 28 -5.13 13.20 -29.74
CA LYS B 28 -4.86 14.64 -30.04
C LYS B 28 -4.83 15.44 -28.74
N LEU B 29 -5.72 15.12 -27.78
CA LEU B 29 -5.79 15.77 -26.44
C LEU B 29 -4.59 15.35 -25.59
N CYS B 30 -4.16 14.09 -25.71
CA CYS B 30 -3.02 13.50 -24.95
C CYS B 30 -1.70 14.12 -25.41
N VAL B 31 -1.48 14.23 -26.73
CA VAL B 31 -0.23 14.80 -27.33
C VAL B 31 -0.13 16.29 -26.97
N ASP B 32 -1.27 17.01 -26.93
CA ASP B 32 -1.34 18.42 -26.46
C ASP B 32 -0.83 18.49 -25.02
N TRP B 33 -1.27 17.58 -24.16
CA TRP B 33 -0.89 17.48 -22.73
C TRP B 33 0.59 17.07 -22.61
N ILE B 34 1.04 16.12 -23.44
CA ILE B 34 2.45 15.63 -23.48
C ILE B 34 3.39 16.81 -23.78
N ASP B 35 3.02 17.65 -24.75
CA ASP B 35 3.82 18.83 -25.19
C ASP B 35 3.73 19.94 -24.15
N GLU B 36 2.55 20.10 -23.51
CA GLU B 36 2.26 21.18 -22.52
C GLU B 36 3.18 21.02 -21.30
N PHE B 37 3.33 19.79 -20.79
CA PHE B 37 4.15 19.47 -19.58
C PHE B 37 5.53 18.95 -20.00
N ARG B 38 5.73 18.67 -21.29
CA ARG B 38 7.04 18.37 -21.91
C ARG B 38 7.61 17.07 -21.32
N LEU B 39 6.94 15.94 -21.55
CA LEU B 39 7.35 14.60 -21.04
C LEU B 39 8.40 14.00 -21.98
N TYR B 40 9.51 14.72 -22.19
CA TYR B 40 10.63 14.38 -23.10
C TYR B 40 11.67 15.50 -23.06
N GLN B 41 12.94 15.16 -23.31
CA GLN B 41 14.06 16.14 -23.43
C GLN B 41 14.28 16.48 -24.91
N ASP B 42 14.27 15.47 -25.79
CA ASP B 42 14.52 15.64 -27.25
C ASP B 42 13.33 15.04 -28.03
N ASP B 43 13.31 15.24 -29.35
CA ASP B 43 12.22 14.79 -30.26
C ASP B 43 12.18 13.26 -30.32
N ALA B 44 13.33 12.60 -30.20
CA ALA B 44 13.48 11.12 -30.18
C ALA B 44 12.66 10.53 -29.02
N GLN B 45 12.76 11.12 -27.82
CA GLN B 45 12.00 10.72 -26.61
C GLN B 45 10.50 10.97 -26.83
N ARG B 46 10.15 12.13 -27.41
CA ARG B 46 8.75 12.50 -27.75
C ARG B 46 8.19 11.49 -28.75
N GLU B 47 8.95 11.19 -29.82
CA GLU B 47 8.61 10.19 -30.86
C GLU B 47 8.25 8.86 -30.19
N ARG B 48 9.11 8.39 -29.28
CA ARG B 48 8.98 7.06 -28.61
C ARG B 48 7.77 7.06 -27.67
N LEU B 49 7.56 8.14 -26.92
CA LEU B 49 6.44 8.25 -25.93
C LEU B 49 5.10 8.25 -26.67
N ILE B 50 4.99 8.95 -27.80
CA ILE B 50 3.75 9.00 -28.63
C ILE B 50 3.58 7.64 -29.32
N ALA B 51 4.68 6.98 -29.69
CA ALA B 51 4.70 5.65 -30.35
C ALA B 51 4.22 4.55 -29.39
N THR B 52 4.25 4.80 -28.07
CA THR B 52 3.67 3.89 -27.04
C THR B 52 2.17 3.75 -27.28
N LYS B 53 1.51 4.83 -27.73
CA LYS B 53 0.07 4.88 -28.08
C LYS B 53 -0.77 4.45 -26.87
N ALA B 54 -0.49 5.06 -25.71
CA ALA B 54 -1.19 4.82 -24.43
C ALA B 54 -2.68 5.19 -24.55
N ALA B 55 -2.99 6.17 -25.40
CA ALA B 55 -4.37 6.61 -25.72
C ALA B 55 -5.15 5.45 -26.35
N GLU B 56 -4.50 4.69 -27.24
CA GLU B 56 -5.12 3.59 -28.04
C GLU B 56 -5.56 2.46 -27.11
N VAL B 57 -4.67 1.96 -26.24
CA VAL B 57 -4.94 0.80 -25.34
C VAL B 57 -6.10 1.16 -24.40
N TYR B 58 -6.17 2.42 -23.96
CA TYR B 58 -7.26 2.95 -23.10
C TYR B 58 -8.54 3.09 -23.93
N ALA B 59 -8.43 3.61 -25.16
CA ALA B 59 -9.55 3.77 -26.13
C ALA B 59 -10.12 2.40 -26.48
N ARG B 60 -9.26 1.38 -26.61
CA ARG B 60 -9.65 -0.02 -26.92
C ARG B 60 -10.28 -0.68 -25.69
N ALA B 61 -9.91 -0.24 -24.49
CA ALA B 61 -10.44 -0.70 -23.18
C ALA B 61 -11.77 0.00 -22.86
N LEU B 62 -11.92 1.26 -23.28
CA LEU B 62 -13.07 2.15 -22.95
C LEU B 62 -13.72 2.62 -24.24
N PRO B 63 -14.35 1.71 -25.03
CA PRO B 63 -14.88 2.06 -26.35
C PRO B 63 -16.17 2.90 -26.34
N ASN B 64 -16.84 3.03 -25.18
CA ASN B 64 -18.13 3.74 -25.03
C ASN B 64 -18.00 4.95 -24.08
N ALA B 65 -16.79 5.23 -23.59
CA ALA B 65 -16.52 6.31 -22.60
C ALA B 65 -16.34 7.65 -23.33
N ALA B 66 -16.62 8.75 -22.64
CA ALA B 66 -16.42 10.14 -23.13
C ALA B 66 -14.94 10.34 -23.45
N PRO B 67 -14.59 10.84 -24.66
CA PRO B 67 -13.20 10.87 -25.11
C PRO B 67 -12.28 11.73 -24.23
N GLU B 68 -12.82 12.81 -23.66
CA GLU B 68 -12.10 13.74 -22.74
C GLU B 68 -11.66 13.00 -21.47
N ARG B 69 -12.43 11.99 -21.04
CA ARG B 69 -12.16 11.21 -19.80
C ARG B 69 -11.23 10.01 -20.10
N VAL B 70 -11.28 9.47 -21.33
CA VAL B 70 -10.31 8.45 -21.82
C VAL B 70 -8.93 9.11 -21.91
N ALA B 71 -8.89 10.35 -22.40
CA ALA B 71 -7.68 11.18 -22.55
C ALA B 71 -7.05 11.45 -21.18
N ASP B 72 -7.87 11.73 -20.16
CA ASP B 72 -7.43 12.07 -18.79
C ASP B 72 -6.68 10.89 -18.15
N VAL B 73 -7.27 9.68 -18.22
CA VAL B 73 -6.70 8.45 -17.59
C VAL B 73 -5.49 7.98 -18.40
N ALA B 74 -5.46 8.26 -19.71
CA ALA B 74 -4.35 7.92 -20.62
C ALA B 74 -3.07 8.66 -20.21
N LYS B 75 -3.21 9.85 -19.63
CA LYS B 75 -2.09 10.69 -19.13
C LYS B 75 -1.31 9.92 -18.05
N TRP B 76 -2.02 9.19 -17.18
CA TRP B 76 -1.48 8.31 -16.12
C TRP B 76 -0.51 7.29 -16.73
N LEU B 77 -0.87 6.70 -17.88
CA LEU B 77 -0.05 5.69 -18.60
C LEU B 77 1.11 6.37 -19.34
N TYR B 78 0.86 7.55 -19.93
CA TYR B 78 1.89 8.36 -20.64
C TYR B 78 2.97 8.80 -19.64
N TRP B 79 2.56 9.32 -18.48
CA TRP B 79 3.47 9.70 -17.36
C TRP B 79 4.28 8.47 -16.92
N GLY B 80 3.64 7.29 -16.85
CA GLY B 80 4.26 6.02 -16.48
C GLY B 80 5.40 5.64 -17.40
N PHE B 81 5.12 5.59 -18.72
CA PHE B 81 6.10 5.25 -19.78
C PHE B 81 7.23 6.27 -19.80
N ALA B 82 6.90 7.57 -19.68
CA ALA B 82 7.85 8.71 -19.69
C ALA B 82 8.81 8.60 -18.50
N THR B 83 8.27 8.43 -17.29
CA THR B 83 9.05 8.33 -16.02
C THR B 83 9.86 7.03 -16.01
N ASP B 84 9.35 5.97 -16.63
CA ASP B 84 10.05 4.67 -16.81
C ASP B 84 11.24 4.88 -17.75
N ASP B 85 11.01 5.55 -18.89
CA ASP B 85 12.02 5.83 -19.94
C ASP B 85 13.14 6.72 -19.37
N MET B 86 12.78 7.68 -18.51
CA MET B 86 13.67 8.74 -17.99
C MET B 86 14.71 8.15 -17.03
N VAL B 87 14.26 7.40 -16.01
CA VAL B 87 15.11 6.90 -14.89
C VAL B 87 16.22 6.00 -15.47
N TYR B 88 15.87 5.14 -16.44
CA TYR B 88 16.82 4.26 -17.18
C TYR B 88 16.26 3.98 -18.58
N VAL B 95 20.85 -0.40 -10.63
CA VAL B 95 19.88 0.40 -9.81
C VAL B 95 19.77 -0.25 -8.43
N ARG B 96 19.60 0.58 -7.38
CA ARG B 96 19.56 0.16 -5.95
C ARG B 96 18.17 0.45 -5.37
N ALA B 97 17.60 -0.51 -4.63
CA ALA B 97 16.29 -0.42 -3.96
C ALA B 97 16.33 0.70 -2.90
N ALA B 98 17.48 0.90 -2.26
CA ALA B 98 17.72 1.92 -1.22
C ALA B 98 17.61 3.33 -1.81
N ASP B 99 17.92 3.49 -3.09
CA ASP B 99 17.87 4.79 -3.82
C ASP B 99 16.46 4.98 -4.43
N PHE B 100 15.79 3.89 -4.80
CA PHE B 100 14.47 3.89 -5.48
C PHE B 100 13.36 4.26 -4.49
N LEU B 101 13.38 3.69 -3.29
CA LEU B 101 12.27 3.77 -2.30
C LEU B 101 12.05 5.20 -1.83
N PRO B 102 13.08 5.95 -1.39
CA PRO B 102 12.91 7.35 -0.99
C PRO B 102 12.24 8.23 -2.06
N LEU B 103 12.53 7.96 -3.34
CA LEU B 103 11.94 8.67 -4.50
C LEU B 103 10.49 8.23 -4.72
N ILE B 104 10.22 6.92 -4.68
CA ILE B 104 8.95 6.31 -5.16
C ILE B 104 7.81 6.60 -4.16
N VAL B 105 8.11 6.72 -2.86
CA VAL B 105 7.09 7.01 -1.80
C VAL B 105 6.61 8.47 -1.96
N GLN B 106 7.49 9.35 -2.44
CA GLN B 106 7.14 10.78 -2.72
C GLN B 106 6.13 10.84 -3.87
N LEU B 107 6.32 10.01 -4.91
CA LEU B 107 5.41 9.92 -6.08
C LEU B 107 4.08 9.31 -5.64
N ALA B 108 4.12 8.32 -4.74
CA ALA B 108 2.93 7.70 -4.11
C ALA B 108 2.16 8.74 -3.29
N ARG B 109 2.90 9.61 -2.59
CA ARG B 109 2.33 10.69 -1.73
C ARG B 109 1.61 11.73 -2.61
N ILE B 110 2.21 12.12 -3.74
CA ILE B 110 1.68 13.15 -4.68
C ILE B 110 0.39 12.62 -5.33
N ALA B 111 0.34 11.32 -5.64
CA ALA B 111 -0.87 10.62 -6.14
C ALA B 111 -1.99 10.70 -5.11
N ASP B 112 -1.66 10.55 -3.82
CA ASP B 112 -2.62 10.63 -2.69
C ASP B 112 -3.04 12.09 -2.48
N GLU B 113 -2.07 13.00 -2.41
CA GLU B 113 -2.29 14.45 -2.10
C GLU B 113 -1.31 15.28 -2.93
N PRO B 114 -1.75 15.88 -4.07
CA PRO B 114 -0.85 16.63 -4.94
C PRO B 114 -0.25 17.90 -4.33
N ARG B 115 -0.84 18.41 -3.25
CA ARG B 115 -0.38 19.64 -2.54
C ARG B 115 0.90 19.34 -1.74
N SER B 116 1.14 18.07 -1.39
CA SER B 116 2.40 17.62 -0.75
C SER B 116 3.58 17.94 -1.67
N ARG B 117 4.59 18.64 -1.15
CA ARG B 117 5.78 19.10 -1.93
C ARG B 117 7.05 18.70 -1.18
N PHE B 118 8.16 18.54 -1.92
CA PHE B 118 9.47 18.08 -1.42
C PHE B 118 10.58 18.95 -2.02
N GLY B 119 11.71 19.04 -1.31
CA GLY B 119 12.89 19.82 -1.73
C GLY B 119 13.44 19.34 -3.07
N PHE B 120 13.48 18.01 -3.27
CA PHE B 120 13.95 17.35 -4.53
C PHE B 120 12.76 16.64 -5.20
N GLU B 121 12.45 17.03 -6.44
CA GLU B 121 11.39 16.39 -7.28
C GLU B 121 11.93 16.20 -8.70
N ILE B 122 11.58 15.07 -9.33
CA ILE B 122 12.02 14.70 -10.71
C ILE B 122 11.24 15.54 -11.73
N PRO B 123 11.82 15.84 -12.91
CA PRO B 123 11.19 16.69 -13.92
C PRO B 123 9.66 16.64 -14.08
N TYR B 124 9.08 15.44 -14.15
CA TYR B 124 7.67 15.21 -14.58
C TYR B 124 6.72 15.15 -13.37
N THR B 125 7.14 15.61 -12.20
CA THR B 125 6.33 15.54 -10.94
C THR B 125 5.11 16.46 -11.05
N ASP B 126 5.25 17.64 -11.68
CA ASP B 126 4.14 18.61 -11.88
C ASP B 126 3.10 18.03 -12.84
N ALA B 127 3.51 17.13 -13.75
CA ALA B 127 2.62 16.40 -14.67
C ALA B 127 1.78 15.37 -13.88
N LEU B 128 2.39 14.69 -12.90
CA LEU B 128 1.72 13.72 -12.00
C LEU B 128 0.63 14.44 -11.20
N ARG B 129 0.93 15.66 -10.72
CA ARG B 129 -0.02 16.51 -9.95
C ARG B 129 -1.23 16.84 -10.83
N ASP B 130 -0.99 17.17 -12.10
CA ASP B 130 -2.04 17.60 -13.06
C ASP B 130 -2.94 16.41 -13.43
N LEU B 131 -2.36 15.25 -13.76
CA LEU B 131 -3.13 14.05 -14.21
C LEU B 131 -3.92 13.49 -13.02
N THR B 132 -3.36 13.55 -11.80
CA THR B 132 -4.03 13.11 -10.55
C THR B 132 -5.32 13.92 -10.37
N VAL B 133 -5.21 15.25 -10.38
CA VAL B 133 -6.35 16.20 -10.21
C VAL B 133 -7.36 16.00 -11.35
N ALA B 134 -6.87 15.96 -12.60
CA ALA B 134 -7.69 15.78 -13.83
C ALA B 134 -8.56 14.53 -13.69
N ILE B 135 -7.96 13.41 -13.25
CA ILE B 135 -8.62 12.08 -13.15
C ILE B 135 -9.57 12.05 -11.94
N THR B 136 -9.10 12.49 -10.76
CA THR B 136 -9.69 12.16 -9.43
C THR B 136 -10.69 13.24 -8.97
N ALA B 137 -10.49 14.51 -9.34
CA ALA B 137 -11.31 15.64 -8.85
C ALA B 137 -12.79 15.43 -9.20
N PRO B 138 -13.14 15.05 -10.46
CA PRO B 138 -14.52 14.79 -10.83
C PRO B 138 -15.12 13.48 -10.26
N ALA B 139 -14.28 12.54 -9.82
CA ALA B 139 -14.66 11.18 -9.39
C ALA B 139 -15.42 11.23 -8.06
N THR B 140 -15.98 10.08 -7.65
CA THR B 140 -16.72 9.91 -6.37
C THR B 140 -15.72 9.72 -5.23
N PRO B 141 -16.11 9.96 -3.95
CA PRO B 141 -15.23 9.73 -2.81
C PRO B 141 -14.61 8.31 -2.76
N GLY B 142 -15.40 7.30 -3.14
CA GLY B 142 -14.96 5.88 -3.17
C GLY B 142 -13.92 5.61 -4.24
N GLN B 143 -14.10 6.21 -5.43
CA GLN B 143 -13.19 6.07 -6.60
C GLN B 143 -11.82 6.67 -6.27
N ARG B 144 -11.78 7.74 -5.48
CA ARG B 144 -10.53 8.44 -5.06
C ARG B 144 -9.78 7.58 -4.04
N ILE B 145 -10.50 6.98 -3.08
CA ILE B 145 -9.94 6.02 -2.08
C ILE B 145 -9.31 4.84 -2.83
N GLU B 146 -10.01 4.33 -3.85
CA GLU B 146 -9.57 3.20 -4.71
C GLU B 146 -8.32 3.61 -5.50
N TRP B 147 -8.31 4.83 -6.05
CA TRP B 147 -7.16 5.41 -6.80
C TRP B 147 -5.92 5.48 -5.91
N ARG B 148 -6.08 5.96 -4.67
CA ARG B 148 -4.97 6.18 -3.69
C ARG B 148 -4.28 4.84 -3.37
N SER B 149 -5.06 3.82 -2.98
CA SER B 149 -4.56 2.51 -2.50
C SER B 149 -3.96 1.69 -3.65
N THR B 150 -4.56 1.75 -4.85
CA THR B 150 -4.09 1.02 -6.07
C THR B 150 -2.80 1.66 -6.60
N ALA B 151 -2.70 2.99 -6.55
CA ALA B 151 -1.49 3.76 -6.93
C ALA B 151 -0.32 3.36 -6.02
N ARG B 152 -0.55 3.36 -4.70
CA ARG B 152 0.47 3.01 -3.67
C ARG B 152 0.93 1.57 -3.85
N ALA B 153 0.00 0.66 -4.17
CA ALA B 153 0.25 -0.77 -4.42
C ALA B 153 1.21 -0.93 -5.60
N TRP B 154 0.99 -0.16 -6.68
CA TRP B 154 1.82 -0.19 -7.92
C TRP B 154 3.25 0.26 -7.61
N PHE B 155 3.41 1.40 -6.93
CA PHE B 155 4.72 1.99 -6.52
C PHE B 155 5.46 1.00 -5.62
N PHE B 156 4.74 0.35 -4.70
CA PHE B 156 5.28 -0.69 -3.78
C PHE B 156 5.70 -1.91 -4.59
N GLY B 157 4.88 -2.29 -5.59
CA GLY B 157 5.17 -3.37 -6.54
C GLY B 157 6.47 -3.13 -7.30
N MET B 158 6.67 -1.91 -7.81
CA MET B 158 7.86 -1.53 -8.61
C MET B 158 9.13 -1.61 -7.75
N SER B 159 9.04 -1.22 -6.48
CA SER B 159 10.14 -1.33 -5.48
C SER B 159 10.61 -2.79 -5.40
N TRP B 160 9.67 -3.74 -5.39
CA TRP B 160 9.91 -5.20 -5.37
C TRP B 160 10.70 -5.62 -6.62
N ASP B 161 10.36 -5.06 -7.78
CA ASP B 161 11.05 -5.34 -9.08
C ASP B 161 12.50 -4.85 -9.00
N VAL B 162 12.74 -3.68 -8.40
CA VAL B 162 14.09 -3.06 -8.26
C VAL B 162 14.95 -3.93 -7.33
N ALA B 163 14.35 -4.53 -6.30
CA ALA B 163 15.01 -5.41 -5.31
C ALA B 163 15.71 -6.57 -6.04
N TYR B 164 15.01 -7.25 -6.95
CA TYR B 164 15.52 -8.41 -7.72
C TYR B 164 16.49 -7.93 -8.80
N ALA B 165 16.20 -6.79 -9.44
CA ALA B 165 17.05 -6.15 -10.46
C ALA B 165 18.41 -5.77 -9.87
N GLU B 166 18.42 -5.25 -8.63
CA GLU B 166 19.64 -4.83 -7.89
C GLU B 166 20.60 -6.01 -7.73
N ARG B 167 20.09 -7.18 -7.35
CA ARG B 167 20.89 -8.41 -7.07
C ARG B 167 21.05 -9.25 -8.33
N GLY B 168 20.51 -8.79 -9.47
CA GLY B 168 20.51 -9.52 -10.75
C GLY B 168 19.86 -10.89 -10.61
N GLU B 169 18.84 -11.00 -9.74
CA GLU B 169 18.17 -12.27 -9.37
C GLU B 169 16.79 -12.33 -10.06
N ILE B 170 16.25 -13.55 -10.15
CA ILE B 170 14.93 -13.87 -10.77
C ILE B 170 14.02 -14.42 -9.68
N PRO B 171 12.81 -13.84 -9.46
CA PRO B 171 11.91 -14.34 -8.42
C PRO B 171 11.32 -15.71 -8.79
N SER B 172 10.96 -16.51 -7.78
CA SER B 172 10.24 -17.79 -7.93
C SER B 172 8.90 -17.53 -8.62
N LEU B 173 8.36 -18.53 -9.34
CA LEU B 173 7.11 -18.41 -10.12
C LEU B 173 5.93 -18.13 -9.16
N ASN B 174 5.97 -18.71 -7.96
CA ASN B 174 4.92 -18.50 -6.91
C ASN B 174 4.93 -17.02 -6.49
N ASP B 175 6.11 -16.44 -6.27
CA ASP B 175 6.30 -15.03 -5.86
C ASP B 175 5.92 -14.10 -7.03
N TYR B 176 6.27 -14.50 -8.26
CA TYR B 176 5.95 -13.74 -9.51
C TYR B 176 4.43 -13.62 -9.65
N LEU B 177 3.72 -14.76 -9.63
CA LEU B 177 2.25 -14.85 -9.80
C LEU B 177 1.55 -14.04 -8.70
N MET B 178 2.18 -13.89 -7.54
CA MET B 178 1.66 -13.15 -6.37
C MET B 178 1.84 -11.64 -6.58
N MET B 179 2.98 -11.22 -7.14
CA MET B 179 3.41 -9.79 -7.17
C MET B 179 3.17 -9.14 -8.54
N ARG B 180 3.19 -9.91 -9.63
CA ARG B 180 3.14 -9.38 -11.02
C ARG B 180 1.97 -8.39 -11.14
N MET B 181 0.80 -8.74 -10.60
CA MET B 181 -0.43 -7.89 -10.62
C MET B 181 -0.12 -6.51 -10.04
N HIS B 182 0.73 -6.43 -9.01
CA HIS B 182 1.11 -5.17 -8.30
C HIS B 182 2.14 -4.39 -9.11
N THR B 183 3.13 -5.07 -9.70
CA THR B 183 4.25 -4.45 -10.46
C THR B 183 3.70 -3.83 -11.76
N GLY B 184 2.64 -4.41 -12.32
CA GLY B 184 1.97 -3.93 -13.54
C GLY B 184 0.88 -2.90 -13.24
N GLY B 185 0.46 -2.80 -11.97
CA GLY B 185 -0.54 -1.82 -11.50
C GLY B 185 -1.88 -1.98 -12.19
N LEU B 186 -2.33 -3.23 -12.37
CA LEU B 186 -3.58 -3.58 -13.11
C LEU B 186 -4.81 -3.22 -12.26
N ALA B 187 -4.67 -3.20 -10.93
CA ALA B 187 -5.69 -2.71 -9.97
C ALA B 187 -5.90 -1.20 -10.19
N SER B 188 -4.81 -0.46 -10.37
CA SER B 188 -4.81 1.01 -10.68
C SER B 188 -5.47 1.24 -12.04
N TRP B 189 -5.14 0.41 -13.03
CA TRP B 189 -5.74 0.43 -14.40
C TRP B 189 -7.27 0.27 -14.30
N ALA B 190 -7.74 -0.74 -13.57
CA ALA B 190 -9.18 -1.07 -13.35
C ALA B 190 -9.88 0.11 -12.66
N ALA B 191 -9.21 0.75 -11.70
CA ALA B 191 -9.73 1.91 -10.94
C ALA B 191 -9.95 3.09 -11.89
N THR B 192 -9.06 3.27 -12.87
CA THR B 192 -9.11 4.36 -13.88
C THR B 192 -10.18 4.04 -14.94
N LEU B 193 -10.45 2.76 -15.20
CA LEU B 193 -11.58 2.31 -16.07
C LEU B 193 -12.90 2.75 -15.43
N GLY B 194 -13.05 2.51 -14.12
CA GLY B 194 -14.22 2.89 -13.32
C GLY B 194 -14.48 4.38 -13.35
N ILE B 195 -13.42 5.18 -13.14
CA ILE B 195 -13.50 6.67 -13.11
C ILE B 195 -13.89 7.19 -14.49
N ALA B 196 -13.26 6.69 -15.55
CA ALA B 196 -13.44 7.15 -16.96
C ALA B 196 -14.80 6.69 -17.50
N ASP B 197 -15.13 5.41 -17.36
CA ASP B 197 -16.37 4.79 -17.92
C ASP B 197 -17.57 5.13 -17.01
N GLY B 198 -17.32 5.49 -15.76
CA GLY B 198 -18.35 5.91 -14.78
C GLY B 198 -19.02 4.72 -14.11
N PHE B 199 -18.23 3.79 -13.56
CA PHE B 199 -18.70 2.67 -12.70
C PHE B 199 -17.86 2.63 -11.41
N GLU B 200 -18.42 2.01 -10.37
CA GLU B 200 -17.84 1.96 -9.01
C GLU B 200 -18.44 0.77 -8.25
N LEU B 201 -17.66 -0.28 -8.02
CA LEU B 201 -18.08 -1.47 -7.23
C LEU B 201 -18.53 -1.01 -5.83
N SER B 202 -19.58 -1.63 -5.31
CA SER B 202 -19.98 -1.54 -3.87
C SER B 202 -18.85 -2.15 -3.03
N ALA B 203 -18.71 -1.71 -1.78
CA ALA B 203 -17.75 -2.26 -0.79
C ALA B 203 -17.90 -3.78 -0.75
N ARG B 204 -19.14 -4.27 -0.79
CA ARG B 204 -19.51 -5.71 -0.77
C ARG B 204 -18.86 -6.46 -1.94
N ASP B 205 -19.05 -5.99 -3.17
CA ASP B 205 -18.57 -6.64 -4.41
C ASP B 205 -17.04 -6.62 -4.43
N ALA B 206 -16.42 -5.44 -4.23
CA ALA B 206 -14.96 -5.22 -4.25
C ALA B 206 -14.26 -6.15 -3.24
N ASP B 207 -14.88 -6.37 -2.08
CA ASP B 207 -14.34 -7.19 -0.96
C ASP B 207 -14.56 -8.68 -1.25
N SER B 208 -15.68 -9.04 -1.89
CA SER B 208 -16.11 -10.45 -2.13
C SER B 208 -14.97 -11.23 -2.76
N PRO B 209 -14.60 -12.42 -2.21
CA PRO B 209 -13.42 -13.15 -2.67
C PRO B 209 -13.51 -13.63 -4.14
N ALA B 210 -14.73 -13.81 -4.65
CA ALA B 210 -15.02 -14.20 -6.05
C ALA B 210 -14.57 -13.09 -7.00
N VAL B 211 -14.91 -11.83 -6.68
CA VAL B 211 -14.56 -10.62 -7.48
C VAL B 211 -13.05 -10.36 -7.34
N ARG B 212 -12.49 -10.59 -6.15
CA ARG B 212 -11.05 -10.44 -5.86
C ARG B 212 -10.25 -11.44 -6.72
N ALA B 213 -10.76 -12.67 -6.87
CA ALA B 213 -10.17 -13.74 -7.72
C ALA B 213 -10.28 -13.34 -9.20
N LEU B 214 -11.45 -12.84 -9.61
CA LEU B 214 -11.71 -12.35 -11.01
C LEU B 214 -10.70 -11.25 -11.36
N LEU B 215 -10.54 -10.26 -10.47
CA LEU B 215 -9.60 -9.13 -10.63
C LEU B 215 -8.16 -9.65 -10.71
N GLU B 216 -7.77 -10.56 -9.82
CA GLU B 216 -6.37 -11.02 -9.65
C GLU B 216 -5.94 -11.92 -10.82
N SER B 217 -6.80 -12.85 -11.25
CA SER B 217 -6.56 -13.75 -12.40
C SER B 217 -6.42 -12.92 -13.68
N TRP B 218 -7.39 -12.02 -13.92
CA TRP B 218 -7.41 -11.07 -15.06
C TRP B 218 -6.12 -10.24 -15.07
N SER B 219 -5.77 -9.65 -13.91
CA SER B 219 -4.55 -8.83 -13.71
C SER B 219 -3.31 -9.63 -14.13
N THR B 220 -3.21 -10.89 -13.69
CA THR B 220 -2.03 -11.77 -13.86
C THR B 220 -1.89 -12.17 -15.34
N PHE B 221 -2.96 -12.69 -15.97
CA PHE B 221 -2.91 -13.22 -17.35
C PHE B 221 -2.70 -12.05 -18.34
N ALA B 222 -3.30 -10.88 -18.06
CA ALA B 222 -3.14 -9.64 -18.85
C ALA B 222 -1.66 -9.23 -18.87
N LEU B 223 -1.00 -9.26 -17.70
CA LEU B 223 0.41 -8.81 -17.53
C LEU B 223 1.37 -9.92 -17.96
N ILE B 224 0.91 -11.17 -18.07
CA ILE B 224 1.69 -12.30 -18.68
C ILE B 224 1.77 -12.07 -20.20
N ILE B 225 0.64 -11.69 -20.82
CA ILE B 225 0.56 -11.30 -22.26
C ILE B 225 1.54 -10.14 -22.50
N ASN B 226 1.59 -9.18 -21.57
CA ASN B 226 2.48 -7.99 -21.63
C ASN B 226 3.94 -8.45 -21.60
N ASP B 227 4.28 -9.39 -20.72
CA ASP B 227 5.65 -9.95 -20.56
C ASP B 227 6.08 -10.68 -21.84
N LEU B 228 5.17 -11.47 -22.42
CA LEU B 228 5.45 -12.33 -23.61
C LEU B 228 5.89 -11.45 -24.79
N MET B 229 5.16 -10.35 -25.05
CA MET B 229 5.38 -9.49 -26.24
C MET B 229 6.43 -8.41 -25.97
N SER B 230 6.90 -8.27 -24.72
CA SER B 230 7.91 -7.26 -24.31
C SER B 230 9.26 -7.92 -23.97
N TYR B 231 9.38 -9.25 -24.14
CA TYR B 231 10.57 -10.06 -23.76
C TYR B 231 11.75 -9.71 -24.68
N ALA B 232 11.53 -9.75 -26.00
CA ALA B 232 12.55 -9.54 -27.06
C ALA B 232 13.32 -8.24 -26.81
N LYS B 233 12.65 -7.21 -26.27
CA LYS B 233 13.25 -5.88 -25.96
C LYS B 233 14.03 -5.95 -24.64
N GLU B 234 13.45 -6.60 -23.61
CA GLU B 234 13.98 -6.61 -22.22
C GLU B 234 15.32 -7.36 -22.15
N ILE B 235 15.50 -8.42 -22.96
CA ILE B 235 16.76 -9.21 -23.01
C ILE B 235 17.86 -8.39 -23.70
N GLU B 236 17.52 -7.61 -24.73
CA GLU B 236 18.45 -6.67 -25.43
C GLU B 236 19.04 -5.71 -24.39
N ASN B 237 18.19 -5.17 -23.51
CA ASN B 237 18.58 -4.27 -22.38
C ASN B 237 18.79 -5.13 -21.13
N SER B 242 13.16 -10.35 -14.90
CA SER B 242 11.99 -10.70 -14.03
C SER B 242 10.73 -10.95 -14.88
N ASN B 243 10.92 -11.53 -16.08
CA ASN B 243 9.86 -11.80 -17.08
C ASN B 243 9.36 -13.24 -16.88
N ILE B 244 8.06 -13.49 -17.12
CA ILE B 244 7.41 -14.83 -16.99
C ILE B 244 8.31 -15.90 -17.64
N ILE B 245 8.89 -15.58 -18.80
CA ILE B 245 9.80 -16.47 -19.56
C ILE B 245 11.03 -16.78 -18.70
N THR B 246 11.69 -15.73 -18.21
CA THR B 246 12.92 -15.80 -17.37
C THR B 246 12.61 -16.49 -16.04
N VAL B 247 11.44 -16.25 -15.47
CA VAL B 247 11.00 -16.81 -14.15
C VAL B 247 10.77 -18.32 -14.29
N ILE B 248 10.05 -18.74 -15.34
CA ILE B 248 9.78 -20.18 -15.66
C ILE B 248 11.11 -20.88 -15.95
N ALA B 249 12.00 -20.22 -16.72
CA ALA B 249 13.32 -20.73 -17.13
C ALA B 249 14.12 -21.18 -15.89
N ARG B 250 14.18 -20.32 -14.86
CA ARG B 250 14.88 -20.62 -13.58
C ARG B 250 14.08 -21.67 -12.79
N GLU B 251 12.76 -21.54 -12.76
CA GLU B 251 11.83 -22.41 -12.00
C GLU B 251 11.99 -23.88 -12.45
N LEU B 252 11.91 -24.11 -13.77
CA LEU B 252 11.88 -25.48 -14.37
C LEU B 252 13.29 -25.92 -14.80
N SER B 253 14.31 -25.09 -14.55
CA SER B 253 15.71 -25.30 -15.02
C SER B 253 15.72 -25.61 -16.52
N CYS B 254 14.94 -24.85 -17.30
CA CYS B 254 14.82 -24.95 -18.78
C CYS B 254 15.28 -23.63 -19.40
N SER B 255 15.21 -23.52 -20.74
CA SER B 255 15.60 -22.32 -21.52
C SER B 255 14.38 -21.42 -21.74
N PRO B 256 14.59 -20.14 -22.11
CA PRO B 256 13.49 -19.24 -22.47
C PRO B 256 12.50 -19.84 -23.50
N GLN B 257 13.02 -20.44 -24.58
CA GLN B 257 12.21 -21.03 -25.67
C GLN B 257 11.40 -22.22 -25.13
N GLU B 258 11.98 -23.00 -24.21
CA GLU B 258 11.33 -24.16 -23.55
C GLU B 258 10.23 -23.66 -22.60
N ALA B 259 10.39 -22.45 -22.05
CA ALA B 259 9.45 -21.82 -21.09
C ALA B 259 8.20 -21.29 -21.81
N VAL B 260 8.30 -21.00 -23.12
CA VAL B 260 7.22 -20.38 -23.94
C VAL B 260 5.93 -21.21 -23.81
N PRO B 261 5.93 -22.52 -24.15
CA PRO B 261 4.72 -23.33 -24.06
C PRO B 261 4.17 -23.48 -22.64
N HIS B 262 5.06 -23.42 -21.63
CA HIS B 262 4.69 -23.42 -20.18
C HIS B 262 4.00 -22.10 -19.82
N ALA B 263 4.50 -20.99 -20.36
CA ALA B 263 3.96 -19.61 -20.14
C ALA B 263 2.54 -19.51 -20.72
N TYR B 264 2.33 -20.05 -21.92
CA TYR B 264 1.03 -20.04 -22.65
C TYR B 264 0.04 -20.98 -21.95
N SER B 265 0.52 -22.07 -21.36
CA SER B 265 -0.29 -23.02 -20.53
C SER B 265 -0.81 -22.28 -19.30
N ILE B 266 0.08 -21.59 -18.58
CA ILE B 266 -0.26 -20.77 -17.36
C ILE B 266 -1.20 -19.64 -17.77
N LEU B 267 -0.88 -18.93 -18.85
CA LEU B 267 -1.68 -17.81 -19.41
C LEU B 267 -3.14 -18.25 -19.58
N ASP B 268 -3.38 -19.37 -20.27
CA ASP B 268 -4.74 -19.83 -20.68
C ASP B 268 -5.45 -20.54 -19.52
N ARG B 269 -4.71 -21.11 -18.56
CA ARG B 269 -5.27 -21.69 -17.31
C ARG B 269 -5.90 -20.56 -16.48
N ILE B 270 -5.17 -19.46 -16.30
CA ILE B 270 -5.60 -18.27 -15.50
C ILE B 270 -6.69 -17.52 -16.26
N SER B 271 -6.57 -17.39 -17.59
CA SER B 271 -7.57 -16.74 -18.47
C SER B 271 -8.84 -17.59 -18.54
N GLY B 272 -8.68 -18.92 -18.56
CA GLY B 272 -9.78 -19.90 -18.51
C GLY B 272 -10.54 -19.82 -17.20
N LEU B 273 -9.81 -19.63 -16.09
CA LEU B 273 -10.38 -19.44 -14.72
C LEU B 273 -11.16 -18.11 -14.67
N PHE B 274 -10.57 -17.04 -15.22
CA PHE B 274 -11.21 -15.70 -15.33
C PHE B 274 -12.59 -15.84 -15.98
N LEU B 275 -12.66 -16.56 -17.11
CA LEU B 275 -13.89 -16.76 -17.91
C LEU B 275 -14.91 -17.60 -17.12
N ARG B 276 -14.44 -18.49 -16.24
CA ARG B 276 -15.31 -19.34 -15.38
C ARG B 276 -15.91 -18.48 -14.26
N LEU B 277 -15.09 -17.65 -13.61
CA LEU B 277 -15.55 -16.69 -12.57
C LEU B 277 -16.47 -15.65 -13.22
N ARG B 278 -16.14 -15.20 -14.44
CA ARG B 278 -16.96 -14.27 -15.25
C ARG B 278 -18.36 -14.86 -15.46
N ALA B 279 -18.44 -16.11 -15.88
CA ALA B 279 -19.70 -16.84 -16.20
C ALA B 279 -20.56 -16.98 -14.93
N ASP B 280 -19.92 -17.23 -13.78
CA ASP B 280 -20.60 -17.41 -12.47
C ASP B 280 -21.16 -16.08 -11.96
N LEU B 281 -20.45 -14.97 -12.20
CA LEU B 281 -20.75 -13.63 -11.61
C LEU B 281 -21.76 -12.86 -12.47
N LEU B 282 -21.69 -12.99 -13.80
CA LEU B 282 -22.48 -12.18 -14.78
C LEU B 282 -23.96 -12.17 -14.42
N PRO B 283 -24.62 -13.34 -14.21
CA PRO B 283 -26.07 -13.36 -13.95
C PRO B 283 -26.54 -12.49 -12.78
N GLY B 284 -25.81 -12.52 -11.65
CA GLY B 284 -26.16 -11.81 -10.41
C GLY B 284 -25.55 -10.42 -10.33
N ALA B 285 -24.61 -10.09 -11.22
CA ALA B 285 -23.82 -8.84 -11.21
C ALA B 285 -24.75 -7.63 -11.41
N ASP B 286 -24.55 -6.58 -10.60
CA ASP B 286 -25.22 -5.25 -10.79
C ASP B 286 -24.48 -4.50 -11.90
N GLN B 287 -25.04 -3.39 -12.35
CA GLN B 287 -24.56 -2.61 -13.53
C GLN B 287 -23.09 -2.21 -13.35
N ASN B 288 -22.65 -1.94 -12.12
CA ASN B 288 -21.25 -1.54 -11.79
C ASN B 288 -20.29 -2.70 -12.06
N LEU B 289 -20.62 -3.91 -11.56
CA LEU B 289 -19.80 -5.14 -11.72
C LEU B 289 -19.81 -5.56 -13.20
N ARG B 290 -20.96 -5.45 -13.88
CA ARG B 290 -21.12 -5.78 -15.32
C ARG B 290 -20.26 -4.83 -16.16
N ALA B 291 -20.15 -3.55 -15.75
CA ALA B 291 -19.33 -2.51 -16.42
C ALA B 291 -17.85 -2.85 -16.27
N LEU B 292 -17.42 -3.33 -15.10
CA LEU B 292 -16.03 -3.77 -14.83
C LEU B 292 -15.70 -4.98 -15.69
N ILE B 293 -16.59 -5.99 -15.72
CA ILE B 293 -16.40 -7.24 -16.51
C ILE B 293 -16.22 -6.87 -17.98
N ALA B 294 -17.08 -6.00 -18.51
CA ALA B 294 -16.99 -5.45 -19.90
C ALA B 294 -15.63 -4.79 -20.10
N GLY B 295 -15.19 -3.98 -19.13
CA GLY B 295 -13.87 -3.32 -19.11
C GLY B 295 -12.73 -4.33 -19.15
N MET B 296 -12.86 -5.44 -18.42
CA MET B 296 -11.85 -6.53 -18.37
C MET B 296 -11.77 -7.23 -19.73
N GLU B 297 -12.92 -7.51 -20.34
CA GLU B 297 -13.03 -8.14 -21.69
C GLU B 297 -12.29 -7.28 -22.71
N HIS B 298 -12.64 -5.98 -22.77
CA HIS B 298 -12.10 -4.98 -23.72
C HIS B 298 -10.58 -4.83 -23.55
N THR B 299 -10.08 -4.91 -22.32
CA THR B 299 -8.64 -4.80 -21.96
C THR B 299 -7.87 -5.99 -22.52
N TRP B 300 -8.39 -7.21 -22.36
CA TRP B 300 -7.81 -8.47 -22.91
C TRP B 300 -7.50 -8.26 -24.40
N ARG B 301 -8.51 -7.87 -25.17
CA ARG B 301 -8.41 -7.59 -26.64
C ARG B 301 -7.45 -6.41 -26.86
N ALA B 302 -7.61 -5.33 -26.10
CA ALA B 302 -6.81 -4.07 -26.23
C ALA B 302 -5.32 -4.41 -26.20
N ILE B 303 -4.88 -5.16 -25.18
CA ILE B 303 -3.45 -5.54 -24.96
C ILE B 303 -2.91 -6.23 -26.22
N LEU B 304 -3.70 -7.15 -26.80
CA LEU B 304 -3.30 -7.99 -27.96
C LEU B 304 -3.29 -7.15 -29.25
N ASP B 305 -4.31 -6.31 -29.45
CA ASP B 305 -4.50 -5.50 -30.69
C ASP B 305 -3.51 -4.33 -30.71
N TRP B 306 -3.10 -3.83 -29.54
CA TRP B 306 -2.24 -2.63 -29.37
C TRP B 306 -0.78 -3.04 -29.20
N GLY B 307 -0.52 -4.08 -28.40
CA GLY B 307 0.83 -4.53 -28.00
C GLY B 307 1.73 -4.88 -29.18
N PHE B 308 1.16 -5.53 -30.21
CA PHE B 308 1.91 -6.04 -31.40
C PHE B 308 1.83 -5.03 -32.55
N THR B 309 1.27 -3.84 -32.30
CA THR B 309 1.25 -2.68 -33.24
C THR B 309 1.94 -1.46 -32.61
N SER B 310 2.07 -1.44 -31.27
CA SER B 310 2.85 -0.42 -30.51
C SER B 310 4.34 -0.63 -30.79
N ALA B 311 5.06 0.46 -31.10
CA ALA B 311 6.52 0.46 -31.39
C ALA B 311 7.30 0.10 -30.12
N ARG B 312 6.73 0.36 -28.94
CA ARG B 312 7.34 0.09 -27.61
C ARG B 312 7.85 -1.36 -27.55
N TYR B 313 7.03 -2.32 -27.97
CA TYR B 313 7.30 -3.79 -27.86
C TYR B 313 7.78 -4.38 -29.19
N THR B 314 7.47 -3.73 -30.32
CA THR B 314 7.81 -4.18 -31.69
C THR B 314 8.89 -3.25 -32.28
N GLU B 321 11.76 -0.94 -38.62
CA GLU B 321 11.21 -2.27 -39.05
C GLU B 321 11.07 -3.16 -37.82
N PRO B 322 9.92 -3.85 -37.64
CA PRO B 322 9.69 -4.65 -36.43
C PRO B 322 10.51 -5.95 -36.39
N TYR B 323 11.09 -6.25 -35.21
CA TYR B 323 11.90 -7.47 -34.95
C TYR B 323 10.98 -8.65 -34.66
N GLN B 324 9.77 -8.40 -34.17
CA GLN B 324 8.70 -9.41 -33.96
C GLN B 324 7.36 -8.86 -34.47
N VAL B 325 6.49 -9.76 -34.94
CA VAL B 325 5.12 -9.45 -35.45
C VAL B 325 4.11 -10.33 -34.70
N PHE B 326 2.82 -10.00 -34.79
CA PHE B 326 1.71 -10.75 -34.15
C PHE B 326 1.77 -12.22 -34.57
N PRO B 327 1.86 -13.17 -33.61
CA PRO B 327 1.98 -14.59 -33.95
C PRO B 327 0.69 -15.24 -34.48
N GLY B 328 -0.46 -14.55 -34.36
CA GLY B 328 -1.75 -14.96 -34.94
C GLY B 328 -2.78 -15.29 -33.87
N TRP B 329 -3.99 -15.69 -34.29
CA TRP B 329 -5.13 -16.07 -33.40
C TRP B 329 -5.22 -17.60 -33.34
N ALA B 330 -5.53 -18.14 -32.16
CA ALA B 330 -5.75 -19.58 -31.89
C ALA B 330 -7.26 -19.83 -31.73
N GLU B 331 -7.80 -20.82 -32.45
CA GLU B 331 -9.21 -21.27 -32.36
C GLU B 331 -9.54 -21.59 -30.89
N GLN B 332 -8.75 -22.47 -30.26
CA GLN B 332 -8.94 -22.97 -28.88
C GLN B 332 -7.81 -22.46 -27.99
N PRO B 333 -8.00 -22.43 -26.65
CA PRO B 333 -6.92 -22.09 -25.73
C PRO B 333 -5.82 -23.17 -25.71
N HIS B 334 -4.62 -22.79 -25.26
CA HIS B 334 -3.42 -23.67 -25.15
C HIS B 334 -3.59 -24.64 -23.96
N ASP B 335 -4.48 -24.32 -23.02
CA ASP B 335 -4.77 -25.16 -21.83
C ASP B 335 -6.24 -24.97 -21.43
N THR B 336 -7.04 -26.04 -21.53
CA THR B 336 -8.49 -26.07 -21.23
C THR B 336 -8.75 -26.62 -19.82
N SER B 337 -7.70 -27.01 -19.10
CA SER B 337 -7.78 -27.66 -17.76
C SER B 337 -8.42 -26.71 -16.76
N PRO B 338 -9.44 -27.17 -15.98
CA PRO B 338 -10.04 -26.35 -14.93
C PRO B 338 -9.34 -26.46 -13.56
N ASP B 339 -8.27 -27.25 -13.48
CA ASP B 339 -7.57 -27.57 -12.19
C ASP B 339 -6.72 -26.38 -11.77
N PRO B 340 -6.52 -26.16 -10.44
CA PRO B 340 -5.70 -25.05 -9.96
C PRO B 340 -4.21 -25.25 -10.27
N LEU B 341 -3.48 -24.15 -10.45
CA LEU B 341 -2.01 -24.15 -10.65
C LEU B 341 -1.34 -24.50 -9.32
N PRO B 342 -0.22 -25.25 -9.33
CA PRO B 342 0.42 -25.72 -8.10
C PRO B 342 1.29 -24.64 -7.42
N TYR B 343 0.76 -23.43 -7.29
CA TYR B 343 1.45 -22.24 -6.71
C TYR B 343 0.56 -21.63 -5.65
N PRO B 344 0.86 -21.87 -4.35
CA PRO B 344 -0.11 -21.62 -3.26
C PRO B 344 -0.35 -20.15 -2.89
N ALA B 345 0.32 -19.21 -3.55
CA ALA B 345 0.08 -17.74 -3.39
C ALA B 345 -1.24 -17.36 -4.07
N ILE B 346 -1.62 -18.07 -5.14
CA ILE B 346 -2.77 -17.72 -6.02
C ILE B 346 -3.75 -18.90 -6.18
N ALA B 347 -3.46 -20.05 -5.56
CA ALA B 347 -4.23 -21.32 -5.74
C ALA B 347 -5.67 -21.15 -5.22
N TRP B 348 -5.90 -20.23 -4.29
CA TRP B 348 -7.23 -19.98 -3.65
C TRP B 348 -8.23 -19.39 -4.66
N TRP B 349 -7.79 -18.89 -5.82
CA TRP B 349 -8.67 -18.38 -6.90
C TRP B 349 -9.69 -19.46 -7.29
N TRP B 350 -9.25 -20.72 -7.38
CA TRP B 350 -10.03 -21.86 -7.90
C TRP B 350 -11.04 -22.35 -6.86
N GLU B 351 -10.91 -21.93 -5.59
CA GLU B 351 -11.89 -22.21 -4.51
C GLU B 351 -13.16 -21.38 -4.71
N GLN B 352 -13.09 -20.31 -5.52
CA GLN B 352 -14.18 -19.32 -5.71
C GLN B 352 -15.08 -19.73 -6.90
N VAL B 353 -14.72 -20.80 -7.63
CA VAL B 353 -15.44 -21.29 -8.83
C VAL B 353 -16.55 -22.25 -8.38
N ALA B 354 -17.80 -21.96 -8.78
CA ALA B 354 -19.00 -22.77 -8.46
C ALA B 354 -18.99 -24.06 -9.26
#